data_9E89
#
_entry.id   9E89
#
_cell.length_a   1.00
_cell.length_b   1.00
_cell.length_c   1.00
_cell.angle_alpha   90.00
_cell.angle_beta   90.00
_cell.angle_gamma   90.00
#
_symmetry.space_group_name_H-M   'P 1'
#
loop_
_entity.id
_entity.type
_entity.pdbx_description
1 polymer 'Capsid protein'
2 polymer 'Light-chain of scFv clone 2'
3 polymer 'Heavy-chain of scFv clone 2'
#
loop_
_entity_poly.entity_id
_entity_poly.type
_entity_poly.pdbx_seq_one_letter_code
_entity_poly.pdbx_strand_id
1 'polypeptide(L)'
;MSDGAVQPDGGQPAVRNERATGSGNGSGGGGGGGSGGVGISTGTFNNQTEFKFLENGWVYITANSSRLVHLNMPESENYR
RVVVNNLDKTAVNGNMALDDTHAEIVTPWSLVDANAWGVWFNPGDWQLIVNTMSELHLVSFEQEIFNVVLKTVSESATQP
PTKVYNNDLTASLMVALDSNNTMPFTPAAMRSETLGFYPWKPTIPTPWRYYFQWDRTLIPSHTGTSGTPTNIYHGTDPDD
VQFYTIENSVPVHLLRTGDEFATGTFFFDCKPCRLTHTWQTNRALGLPPFLNSLPQSEGGTNFGYIGVQQDKRRGVTQMG
NTNYITEATIMRPAEVGYSAPYYSFEASTQGPFKTPIAAGRGGAQTDENQAADGDPRYAFGRQHGQKTTTTGETPERFTY
IAHQDTGRYPEGDWIQNINFNLPVTDDNVLLPTDPIGGKTGINYTNIFNTYGPLTALNNVPPVYPNGQIWDKEFDTDLKP
RLHVNAPFVCQNNCPGQLFVKVAPNLTNQYDPDASANMSRIVTYSDFWWKGKLVFKAKLRASHTWNPIQQMSINVDNQFN
YVPSNIGGMKIVYEKSQLAPRKLY
;
A
2 'polypeptide(L)'
;VLTQKASVSGSLGQTITISCTGTSSNIGHNNVGWYQQLPGRGPRTVVSGTNSRPSGVSDRFSASKSGNTATLTISGLRAD
DEADYYCSTWDDSLNVVFGGGTHLTVL
;
L
3 'polypeptide(L)'
;EVQLVESGGDLVKPGGSLRLSCEASGFTFSNYHMAWVRQAPGKGLQWVANIDSGGFTTNYVDAVRGRFTVSRDNGALYLQ
MNGLRVEDTAVYYCATMKTTYCIDENCNSFQAGRGVFDNWGQGTLVTVSS
;
H
#
# COMPACT_ATOMS: atom_id res chain seq x y z
N GLY A 37 -16.61 34.81 -24.60
CA GLY A 37 -16.80 34.36 -26.01
C GLY A 37 -16.13 33.04 -26.30
N VAL A 38 -16.70 32.29 -27.24
CA VAL A 38 -16.16 30.98 -27.58
C VAL A 38 -14.77 31.13 -28.19
N GLY A 39 -14.60 32.08 -29.10
CA GLY A 39 -13.36 32.17 -29.87
C GLY A 39 -12.26 32.99 -29.24
N ILE A 40 -12.47 33.49 -28.02
CA ILE A 40 -11.49 34.33 -27.34
C ILE A 40 -10.86 33.51 -26.22
N SER A 41 -9.55 33.34 -26.29
CA SER A 41 -8.84 32.63 -25.23
C SER A 41 -8.84 33.46 -23.94
N THR A 42 -8.88 32.76 -22.81
CA THR A 42 -9.01 33.39 -21.51
C THR A 42 -7.73 33.31 -20.68
N GLY A 43 -6.61 32.89 -21.26
CA GLY A 43 -5.38 32.77 -20.51
C GLY A 43 -4.21 32.53 -21.43
N THR A 44 -3.04 32.41 -20.83
CA THR A 44 -1.81 32.18 -21.58
C THR A 44 -0.97 31.11 -20.91
N PHE A 45 -0.49 30.15 -21.69
CA PHE A 45 0.38 29.10 -21.18
C PHE A 45 1.73 29.69 -20.79
N ASN A 46 2.18 29.37 -19.58
CA ASN A 46 3.41 29.94 -19.05
C ASN A 46 4.08 28.90 -18.17
N ASN A 47 5.31 28.54 -18.52
CA ASN A 47 6.07 27.54 -17.76
C ASN A 47 7.51 27.98 -17.60
N GLN A 48 7.73 29.25 -17.26
CA GLN A 48 9.07 29.82 -17.14
C GLN A 48 9.39 30.06 -15.69
N THR A 49 10.57 29.61 -15.26
CA THR A 49 11.03 29.87 -13.90
C THR A 49 11.85 31.15 -13.89
N GLU A 50 11.49 32.06 -13.00
CA GLU A 50 12.10 33.38 -12.92
C GLU A 50 12.84 33.53 -11.60
N PHE A 51 14.04 34.10 -11.66
CA PHE A 51 14.82 34.45 -10.48
C PHE A 51 14.97 35.97 -10.44
N LYS A 52 14.56 36.59 -9.33
CA LYS A 52 14.70 38.02 -9.14
C LYS A 52 15.49 38.25 -7.86
N PHE A 53 16.70 38.77 -7.99
CA PHE A 53 17.59 38.91 -6.85
C PHE A 53 17.26 40.18 -6.08
N LEU A 54 16.96 40.02 -4.80
CA LEU A 54 16.57 41.11 -3.92
C LEU A 54 17.78 41.62 -3.15
N GLU A 55 17.52 42.52 -2.21
CA GLU A 55 18.58 43.04 -1.37
C GLU A 55 19.03 42.00 -0.35
N ASN A 56 20.25 42.16 0.15
CA ASN A 56 20.79 41.32 1.22
C ASN A 56 20.82 39.85 0.83
N GLY A 57 21.13 39.55 -0.44
CA GLY A 57 21.43 38.19 -0.83
C GLY A 57 20.25 37.26 -0.93
N TRP A 58 19.02 37.77 -0.90
CA TRP A 58 17.85 36.92 -1.03
C TRP A 58 17.37 36.90 -2.47
N VAL A 59 16.79 35.76 -2.87
CA VAL A 59 16.32 35.56 -4.23
C VAL A 59 14.84 35.22 -4.19
N TYR A 60 14.10 35.86 -5.08
CA TYR A 60 12.66 35.70 -5.26
C TYR A 60 12.45 34.77 -6.43
N ILE A 61 12.08 33.52 -6.15
CA ILE A 61 11.94 32.48 -7.16
C ILE A 61 10.47 32.34 -7.50
N THR A 62 10.15 32.40 -8.78
CA THR A 62 8.79 32.22 -9.25
C THR A 62 8.77 31.01 -10.18
N ALA A 63 7.97 30.01 -9.84
CA ALA A 63 7.84 28.80 -10.64
C ALA A 63 6.44 28.82 -11.25
N ASN A 64 6.39 29.12 -12.54
CA ASN A 64 5.15 29.03 -13.27
C ASN A 64 5.06 27.65 -13.92
N SER A 65 3.98 26.93 -13.63
CA SER A 65 3.75 25.62 -14.22
C SER A 65 2.45 25.68 -14.99
N SER A 66 2.42 25.03 -16.14
CA SER A 66 1.23 25.02 -16.97
C SER A 66 1.08 23.63 -17.59
N ARG A 67 -0.13 23.08 -17.49
CA ARG A 67 -0.41 21.75 -17.97
C ARG A 67 -1.73 21.75 -18.72
N LEU A 68 -1.92 20.73 -19.55
CA LEU A 68 -3.20 20.47 -20.18
C LEU A 68 -3.83 19.26 -19.50
N VAL A 69 -4.91 19.48 -18.77
CA VAL A 69 -5.56 18.44 -17.98
C VAL A 69 -6.72 17.87 -18.76
N HIS A 70 -6.77 16.54 -18.85
CA HIS A 70 -7.83 15.80 -19.51
C HIS A 70 -8.69 15.13 -18.44
N LEU A 71 -10.00 15.22 -18.60
CA LEU A 71 -10.95 14.75 -17.59
C LEU A 71 -12.09 14.01 -18.27
N ASN A 72 -12.20 12.72 -17.99
CA ASN A 72 -13.39 11.97 -18.37
C ASN A 72 -14.52 12.23 -17.38
N MET A 73 -15.74 11.88 -17.78
CA MET A 73 -16.85 11.97 -16.86
C MET A 73 -16.74 10.88 -15.80
N PRO A 74 -17.36 11.07 -14.64
CA PRO A 74 -17.25 10.08 -13.58
C PRO A 74 -17.91 8.78 -13.96
N GLU A 75 -17.44 7.69 -13.32
CA GLU A 75 -18.06 6.39 -13.53
C GLU A 75 -19.53 6.43 -13.14
N SER A 76 -19.84 7.09 -12.03
CA SER A 76 -21.22 7.28 -11.60
C SER A 76 -21.32 8.59 -10.85
N GLU A 77 -22.46 9.25 -11.00
CA GLU A 77 -22.68 10.55 -10.38
C GLU A 77 -22.88 10.47 -8.88
N ASN A 78 -23.00 9.28 -8.31
CA ASN A 78 -23.35 9.14 -6.90
C ASN A 78 -22.10 8.86 -6.06
N TYR A 79 -22.15 9.31 -4.81
CA TYR A 79 -21.12 8.98 -3.84
C TYR A 79 -21.29 7.54 -3.42
N ARG A 80 -20.19 6.78 -3.40
CA ARG A 80 -20.21 5.39 -2.97
C ARG A 80 -19.46 5.23 -1.67
N ARG A 81 -19.89 4.29 -0.83
CA ARG A 81 -19.18 3.91 0.37
C ARG A 81 -18.71 2.47 0.19
N VAL A 82 -17.40 2.29 -0.05
CA VAL A 82 -16.85 1.01 -0.44
C VAL A 82 -15.94 0.51 0.66
N VAL A 83 -16.15 -0.72 1.08
CA VAL A 83 -15.29 -1.40 2.04
C VAL A 83 -14.33 -2.28 1.25
N VAL A 84 -13.06 -1.91 1.25
CA VAL A 84 -12.02 -2.66 0.55
C VAL A 84 -11.45 -3.69 1.51
N ASN A 85 -11.39 -4.94 1.07
CA ASN A 85 -10.98 -6.06 1.90
C ASN A 85 -9.93 -6.86 1.16
N ASN A 86 -8.92 -7.32 1.89
CA ASN A 86 -7.89 -8.22 1.37
C ASN A 86 -7.58 -9.30 2.38
N LEU A 87 -8.62 -9.79 3.06
CA LEU A 87 -8.42 -10.83 4.07
C LEU A 87 -7.80 -12.08 3.48
N ASP A 88 -7.90 -12.28 2.18
CA ASP A 88 -7.24 -13.42 1.56
C ASP A 88 -5.73 -13.35 1.77
N LYS A 89 -5.16 -12.15 1.66
CA LYS A 89 -3.73 -12.00 1.85
C LYS A 89 -3.36 -12.13 3.32
N THR A 90 -4.11 -11.50 4.21
CA THR A 90 -3.83 -11.56 5.64
C THR A 90 -4.33 -12.84 6.28
N ALA A 91 -5.18 -13.60 5.61
CA ALA A 91 -5.55 -14.92 6.12
C ALA A 91 -4.36 -15.85 6.22
N VAL A 92 -3.31 -15.61 5.43
CA VAL A 92 -2.10 -16.42 5.53
C VAL A 92 -1.33 -15.95 6.75
N ASN A 93 -1.05 -16.87 7.66
CA ASN A 93 -0.37 -16.52 8.90
C ASN A 93 0.99 -15.90 8.60
N GLY A 94 1.27 -14.78 9.27
CA GLY A 94 2.53 -14.09 9.12
C GLY A 94 2.53 -12.97 8.11
N ASN A 95 1.40 -12.71 7.45
CA ASN A 95 1.31 -11.66 6.45
C ASN A 95 0.62 -10.40 6.99
N MET A 96 0.70 -10.17 8.30
CA MET A 96 -0.01 -9.03 8.86
C MET A 96 0.53 -7.70 8.35
N ALA A 97 1.73 -7.69 7.79
CA ALA A 97 2.29 -6.46 7.26
C ALA A 97 1.73 -6.09 5.90
N LEU A 98 0.84 -6.91 5.35
CA LEU A 98 0.25 -6.68 4.04
C LEU A 98 -1.24 -6.37 4.14
N ASP A 99 -1.64 -5.54 5.08
CA ASP A 99 -3.05 -5.22 5.26
C ASP A 99 -3.42 -3.97 4.46
N ASP A 100 -4.39 -4.10 3.57
CA ASP A 100 -4.95 -2.97 2.83
C ASP A 100 -6.42 -2.75 3.14
N THR A 101 -6.98 -3.47 4.10
CA THR A 101 -8.40 -3.36 4.40
C THR A 101 -8.72 -1.98 4.92
N HIS A 102 -9.80 -1.39 4.40
CA HIS A 102 -10.18 -0.04 4.79
C HIS A 102 -11.57 0.26 4.25
N ALA A 103 -12.02 1.48 4.49
CA ALA A 103 -13.30 1.95 4.00
C ALA A 103 -13.14 3.35 3.43
N GLU A 104 -13.66 3.57 2.24
CA GLU A 104 -13.48 4.85 1.58
C GLU A 104 -14.76 5.30 0.91
N ILE A 105 -15.04 6.59 1.03
CA ILE A 105 -16.06 7.25 0.25
C ILE A 105 -15.42 7.61 -1.09
N VAL A 106 -15.92 6.98 -2.16
CA VAL A 106 -15.49 7.25 -3.51
C VAL A 106 -16.44 8.30 -4.08
N THR A 107 -15.89 9.39 -4.59
CA THR A 107 -16.69 10.51 -5.03
C THR A 107 -16.63 10.63 -6.55
N PRO A 108 -17.61 11.31 -7.14
CA PRO A 108 -17.56 11.55 -8.60
C PRO A 108 -16.57 12.63 -9.00
N TRP A 109 -16.04 13.39 -8.06
CA TRP A 109 -15.17 14.51 -8.38
C TRP A 109 -13.74 14.03 -8.62
N SER A 110 -12.93 14.93 -9.15
CA SER A 110 -11.53 14.66 -9.45
C SER A 110 -10.65 15.78 -8.92
N LEU A 111 -9.54 15.41 -8.30
CA LEU A 111 -8.67 16.34 -7.60
C LEU A 111 -7.50 16.75 -8.49
N VAL A 112 -7.24 18.06 -8.54
CA VAL A 112 -6.11 18.60 -9.30
C VAL A 112 -5.08 19.05 -8.27
N ASP A 113 -4.10 18.19 -8.01
CA ASP A 113 -3.09 18.42 -6.98
C ASP A 113 -1.76 18.73 -7.63
N ALA A 114 -1.13 19.82 -7.19
CA ALA A 114 0.19 20.23 -7.67
C ALA A 114 1.23 20.20 -6.57
N ASN A 115 1.02 19.39 -5.53
CA ASN A 115 1.92 19.34 -4.39
C ASN A 115 3.03 18.32 -4.62
N ALA A 116 3.89 18.64 -5.58
CA ALA A 116 5.06 17.83 -5.88
C ALA A 116 6.13 18.74 -6.46
N TRP A 117 7.38 18.44 -6.12
CA TRP A 117 8.47 19.30 -6.58
C TRP A 117 8.57 19.32 -8.09
N GLY A 118 8.44 18.14 -8.73
CA GLY A 118 8.65 18.06 -10.16
C GLY A 118 7.71 18.92 -10.96
N VAL A 119 6.52 19.22 -10.43
CA VAL A 119 5.55 19.98 -11.20
C VAL A 119 6.06 21.38 -11.50
N TRP A 120 6.97 21.88 -10.68
CA TRP A 120 7.38 23.28 -10.75
C TRP A 120 8.76 23.50 -11.31
N PHE A 121 9.73 22.65 -10.99
CA PHE A 121 11.12 22.88 -11.34
C PHE A 121 11.61 21.79 -12.28
N ASN A 122 12.25 22.20 -13.37
CA ASN A 122 12.95 21.27 -14.22
C ASN A 122 14.31 20.95 -13.59
N PRO A 123 14.98 19.90 -14.08
CA PRO A 123 16.25 19.50 -13.45
C PRO A 123 17.28 20.62 -13.38
N GLY A 124 17.37 21.47 -14.39
CA GLY A 124 18.35 22.55 -14.34
C GLY A 124 18.06 23.55 -13.24
N ASP A 125 16.79 23.93 -13.08
CA ASP A 125 16.43 24.85 -12.02
C ASP A 125 16.72 24.26 -10.65
N TRP A 126 16.42 22.97 -10.46
CA TRP A 126 16.72 22.33 -9.18
C TRP A 126 18.22 22.28 -8.94
N GLN A 127 19.01 22.04 -9.99
CA GLN A 127 20.46 22.08 -9.86
C GLN A 127 20.91 23.43 -9.36
N LEU A 128 20.41 24.49 -10.00
CA LEU A 128 20.79 25.84 -9.56
C LEU A 128 20.41 26.05 -8.11
N ILE A 129 19.20 25.65 -7.73
CA ILE A 129 18.70 25.90 -6.37
C ILE A 129 19.59 25.18 -5.35
N VAL A 130 19.82 23.89 -5.57
CA VAL A 130 20.57 23.12 -4.58
C VAL A 130 22.02 23.57 -4.52
N ASN A 131 22.62 23.91 -5.66
CA ASN A 131 24.03 24.24 -5.66
C ASN A 131 24.29 25.62 -5.07
N THR A 132 23.40 26.58 -5.30
CA THR A 132 23.69 27.97 -4.92
C THR A 132 22.83 28.49 -3.78
N MET A 133 21.66 27.92 -3.51
CA MET A 133 20.87 28.31 -2.34
C MET A 133 21.33 27.55 -1.10
N SER A 134 20.88 28.06 0.04
CA SER A 134 21.12 27.46 1.35
C SER A 134 19.85 27.23 2.15
N GLU A 135 18.86 28.11 2.05
CA GLU A 135 17.58 27.92 2.71
C GLU A 135 16.46 28.34 1.77
N LEU A 136 15.28 27.76 1.98
CA LEU A 136 14.14 27.96 1.09
C LEU A 136 12.90 28.27 1.92
N HIS A 137 12.18 29.31 1.54
CA HIS A 137 10.91 29.68 2.15
C HIS A 137 9.80 29.55 1.13
N LEU A 138 8.67 28.97 1.54
CA LEU A 138 7.48 28.98 0.70
C LEU A 138 6.74 30.30 0.90
N VAL A 139 6.56 31.05 -0.17
CA VAL A 139 6.00 32.39 -0.07
C VAL A 139 4.54 32.41 -0.47
N SER A 140 4.23 32.12 -1.72
CA SER A 140 2.86 32.26 -2.17
C SER A 140 2.52 31.16 -3.18
N PHE A 141 1.23 31.00 -3.43
CA PHE A 141 0.74 30.00 -4.36
C PHE A 141 -0.58 30.45 -4.95
N GLU A 142 -0.68 30.40 -6.27
CA GLU A 142 -1.91 30.74 -6.97
C GLU A 142 -2.10 29.74 -8.10
N GLN A 143 -3.36 29.55 -8.51
CA GLN A 143 -3.64 28.66 -9.62
C GLN A 143 -4.95 29.05 -10.26
N GLU A 144 -5.07 28.75 -11.56
CA GLU A 144 -6.24 29.11 -12.33
C GLU A 144 -6.42 28.11 -13.46
N ILE A 145 -7.64 28.09 -14.00
CA ILE A 145 -8.02 27.20 -15.08
C ILE A 145 -8.55 28.05 -16.22
N PHE A 146 -8.12 27.74 -17.45
CA PHE A 146 -8.56 28.50 -18.60
C PHE A 146 -8.68 27.58 -19.81
N ASN A 147 -9.19 28.15 -20.89
CA ASN A 147 -9.41 27.43 -22.14
C ASN A 147 -10.10 26.10 -21.90
N VAL A 148 -11.21 26.16 -21.16
CA VAL A 148 -12.00 24.96 -20.92
C VAL A 148 -12.65 24.54 -22.23
N VAL A 149 -12.51 23.26 -22.57
CA VAL A 149 -13.07 22.71 -23.79
C VAL A 149 -13.82 21.44 -23.43
N LEU A 150 -15.06 21.33 -23.86
CA LEU A 150 -15.91 20.17 -23.59
C LEU A 150 -16.30 19.54 -24.91
N LYS A 151 -16.08 18.23 -25.02
CA LYS A 151 -16.37 17.49 -26.24
C LYS A 151 -17.20 16.26 -25.91
N THR A 152 -17.97 15.81 -26.88
CA THR A 152 -18.83 14.63 -26.75
C THR A 152 -18.47 13.63 -27.84
N VAL A 153 -18.45 12.36 -27.47
CA VAL A 153 -18.12 11.28 -28.39
C VAL A 153 -19.42 10.67 -28.90
N SER A 154 -19.72 10.87 -30.18
CA SER A 154 -20.86 10.21 -30.81
C SER A 154 -20.34 8.97 -31.52
N GLU A 155 -20.65 7.82 -30.93
CA GLU A 155 -20.20 6.54 -31.48
C GLU A 155 -21.22 6.06 -32.51
N SER A 156 -20.83 6.06 -33.77
CA SER A 156 -21.74 5.69 -34.84
C SER A 156 -22.15 4.24 -34.73
N ALA A 157 -23.36 3.94 -35.22
CA ALA A 157 -23.86 2.58 -35.30
C ALA A 157 -23.43 1.87 -36.58
N THR A 158 -22.54 2.49 -37.37
CA THR A 158 -22.08 1.88 -38.60
C THR A 158 -21.47 0.52 -38.34
N GLN A 159 -21.73 -0.43 -39.24
CA GLN A 159 -21.27 -1.80 -39.02
C GLN A 159 -19.80 -1.87 -38.69
N PRO A 160 -18.90 -1.23 -39.44
CA PRO A 160 -17.55 -0.99 -38.92
C PRO A 160 -17.56 0.15 -37.93
N PRO A 161 -17.34 -0.11 -36.64
CA PRO A 161 -17.52 0.94 -35.63
C PRO A 161 -16.66 2.16 -35.91
N THR A 162 -17.24 3.33 -35.67
CA THR A 162 -16.52 4.59 -35.80
C THR A 162 -17.13 5.58 -34.82
N LYS A 163 -16.37 6.61 -34.49
CA LYS A 163 -16.76 7.57 -33.47
C LYS A 163 -16.26 8.96 -33.85
N VAL A 164 -17.15 9.95 -33.75
CA VAL A 164 -16.85 11.33 -34.12
C VAL A 164 -16.99 12.21 -32.90
N TYR A 165 -16.07 13.15 -32.76
CA TYR A 165 -16.01 14.03 -31.59
C TYR A 165 -16.58 15.39 -31.97
N ASN A 166 -17.49 15.89 -31.15
CA ASN A 166 -18.19 17.14 -31.43
C ASN A 166 -18.09 18.08 -30.24
N ASN A 167 -18.04 19.38 -30.52
CA ASN A 167 -17.94 20.38 -29.47
C ASN A 167 -19.33 20.70 -28.93
N ASP A 168 -19.56 20.35 -27.66
CA ASP A 168 -20.83 20.67 -27.00
C ASP A 168 -20.61 22.01 -26.31
N LEU A 169 -21.01 23.07 -27.02
CA LEU A 169 -20.72 24.42 -26.55
C LEU A 169 -21.46 24.78 -25.28
N THR A 170 -22.50 24.03 -24.92
CA THR A 170 -23.30 24.36 -23.75
C THR A 170 -22.93 23.55 -22.53
N ALA A 171 -22.04 22.57 -22.65
CA ALA A 171 -21.67 21.78 -21.49
C ALA A 171 -20.90 22.63 -20.49
N SER A 172 -21.00 22.24 -19.22
CA SER A 172 -20.40 22.99 -18.12
C SER A 172 -19.46 22.10 -17.33
N LEU A 173 -18.32 22.65 -16.94
CA LEU A 173 -17.40 21.98 -16.05
C LEU A 173 -17.55 22.56 -14.65
N MET A 174 -17.80 21.71 -13.66
CA MET A 174 -17.91 22.16 -12.29
C MET A 174 -16.53 22.21 -11.65
N VAL A 175 -16.18 23.38 -11.13
CA VAL A 175 -14.93 23.60 -10.42
C VAL A 175 -15.27 24.02 -9.00
N ALA A 176 -14.76 23.29 -8.03
CA ALA A 176 -14.99 23.59 -6.62
C ALA A 176 -13.65 23.87 -5.97
N LEU A 177 -13.58 24.94 -5.19
CA LEU A 177 -12.36 25.32 -4.49
C LEU A 177 -12.65 25.35 -3.00
N ASP A 178 -12.04 24.42 -2.27
CA ASP A 178 -12.24 24.31 -0.82
C ASP A 178 -11.36 25.35 -0.12
N SER A 179 -11.75 26.61 -0.29
CA SER A 179 -10.98 27.71 0.28
C SER A 179 -10.91 27.64 1.80
N ASN A 180 -11.92 27.09 2.45
CA ASN A 180 -11.98 27.03 3.89
C ASN A 180 -11.43 25.72 4.46
N ASN A 181 -10.88 24.85 3.60
CA ASN A 181 -10.32 23.58 4.05
C ASN A 181 -11.36 22.77 4.83
N THR A 182 -12.60 22.77 4.34
CA THR A 182 -13.64 21.96 4.96
C THR A 182 -13.45 20.48 4.68
N MET A 183 -13.04 20.13 3.47
CA MET A 183 -12.90 18.74 3.09
C MET A 183 -11.64 18.15 3.71
N PRO A 184 -11.58 16.82 3.86
CA PRO A 184 -10.36 16.20 4.38
C PRO A 184 -9.18 16.47 3.46
N PHE A 185 -8.01 16.64 4.04
CA PHE A 185 -6.82 16.88 3.25
C PHE A 185 -6.30 15.55 2.71
N THR A 186 -6.22 15.45 1.39
CA THR A 186 -5.82 14.21 0.72
C THR A 186 -4.70 14.54 -0.27
N PRO A 187 -3.47 14.69 0.22
CA PRO A 187 -2.35 14.94 -0.70
C PRO A 187 -2.17 13.78 -1.65
N ALA A 188 -1.81 14.10 -2.89
CA ALA A 188 -1.71 13.09 -3.94
C ALA A 188 -0.31 12.53 -4.09
N ALA A 189 0.72 13.28 -3.74
CA ALA A 189 2.09 12.79 -3.92
C ALA A 189 2.33 11.53 -3.09
N MET A 190 1.60 11.35 -1.99
CA MET A 190 1.74 10.14 -1.20
C MET A 190 1.40 8.91 -2.01
N ARG A 191 0.50 9.04 -2.97
CA ARG A 191 0.10 7.94 -3.84
C ARG A 191 0.63 8.09 -5.26
N SER A 192 1.45 9.11 -5.52
CA SER A 192 1.98 9.36 -6.85
C SER A 192 0.84 9.56 -7.86
N GLU A 193 0.05 10.61 -7.62
CA GLU A 193 -1.10 10.91 -8.46
C GLU A 193 -1.21 12.40 -8.77
N THR A 194 -0.14 13.16 -8.52
CA THR A 194 -0.14 14.57 -8.86
C THR A 194 -0.02 14.76 -10.37
N LEU A 195 -0.18 16.00 -10.81
CA LEU A 195 -0.03 16.30 -12.22
C LEU A 195 1.34 15.86 -12.71
N GLY A 196 1.47 15.74 -14.02
CA GLY A 196 2.71 15.30 -14.61
C GLY A 196 3.82 16.32 -14.50
N PHE A 197 5.04 15.85 -14.73
CA PHE A 197 6.23 16.69 -14.64
C PHE A 197 6.70 17.22 -15.99
N TYR A 198 6.03 16.85 -17.08
CA TYR A 198 6.43 17.27 -18.40
C TYR A 198 5.44 18.31 -18.93
N PRO A 199 5.87 19.55 -19.15
CA PRO A 199 4.93 20.55 -19.68
C PRO A 199 4.32 20.16 -21.00
N TRP A 200 5.03 19.40 -21.82
CA TRP A 200 4.57 19.00 -23.14
C TRP A 200 3.88 17.64 -23.15
N LYS A 201 3.32 17.22 -22.03
CA LYS A 201 2.52 16.01 -21.97
C LYS A 201 1.20 16.31 -21.25
N PRO A 202 0.07 16.03 -21.87
CA PRO A 202 -1.20 16.19 -21.14
C PRO A 202 -1.24 15.30 -19.90
N THR A 203 -1.85 15.82 -18.85
CA THR A 203 -1.93 15.15 -17.57
C THR A 203 -3.38 14.88 -17.22
N ILE A 204 -3.60 13.94 -16.31
CA ILE A 204 -4.96 13.59 -15.88
C ILE A 204 -5.07 13.86 -14.39
N PRO A 205 -6.25 14.23 -13.89
CA PRO A 205 -6.42 14.37 -12.45
C PRO A 205 -6.72 13.01 -11.80
N THR A 206 -6.84 13.03 -10.48
CA THR A 206 -7.05 11.83 -9.72
C THR A 206 -8.44 11.81 -9.12
N PRO A 207 -9.24 10.76 -9.34
CA PRO A 207 -10.55 10.68 -8.68
C PRO A 207 -10.44 10.82 -7.18
N TRP A 208 -11.25 11.69 -6.59
CA TRP A 208 -11.11 12.02 -5.18
C TRP A 208 -11.88 11.02 -4.33
N ARG A 209 -11.21 10.48 -3.32
CA ARG A 209 -11.79 9.53 -2.41
C ARG A 209 -11.19 9.75 -1.03
N TYR A 210 -12.03 9.67 0.00
CA TYR A 210 -11.57 9.96 1.35
C TYR A 210 -11.95 8.84 2.31
N TYR A 211 -11.08 8.59 3.27
CA TYR A 211 -11.29 7.49 4.20
C TYR A 211 -12.59 7.65 4.96
N PHE A 212 -13.35 6.56 5.05
CA PHE A 212 -14.45 6.42 5.98
C PHE A 212 -13.97 5.66 7.21
N GLN A 213 -14.67 5.83 8.32
CA GLN A 213 -14.24 5.23 9.57
C GLN A 213 -14.58 3.76 9.61
N TRP A 214 -13.72 2.97 10.27
CA TRP A 214 -13.99 1.56 10.48
C TRP A 214 -13.15 1.05 11.64
N ASP A 215 -13.53 -0.10 12.16
CA ASP A 215 -12.82 -0.78 13.22
C ASP A 215 -12.30 -2.11 12.70
N ARG A 216 -11.13 -2.51 13.19
CA ARG A 216 -10.44 -3.68 12.67
C ARG A 216 -9.54 -4.25 13.74
N THR A 217 -9.36 -5.58 13.70
CA THR A 217 -8.48 -6.28 14.62
C THR A 217 -7.68 -7.30 13.84
N LEU A 218 -6.35 -7.23 13.97
CA LEU A 218 -5.42 -8.15 13.30
C LEU A 218 -4.41 -8.61 14.33
N ILE A 219 -4.72 -9.72 14.99
CA ILE A 219 -3.77 -10.26 15.97
C ILE A 219 -2.56 -10.81 15.23
N PRO A 220 -1.36 -10.32 15.50
CA PRO A 220 -0.20 -10.79 14.74
C PRO A 220 0.04 -12.28 14.92
N SER A 221 0.56 -12.90 13.87
CA SER A 221 0.89 -14.31 13.88
C SER A 221 2.15 -14.51 13.06
N HIS A 222 2.65 -15.73 13.04
CA HIS A 222 3.83 -16.07 12.27
C HIS A 222 3.61 -17.42 11.60
N THR A 223 4.38 -17.66 10.55
CA THR A 223 4.39 -18.98 9.93
C THR A 223 4.59 -20.02 11.01
N GLY A 224 3.61 -20.92 11.16
CA GLY A 224 3.60 -21.86 12.25
C GLY A 224 2.63 -21.52 13.37
N THR A 225 1.99 -20.36 13.31
CA THR A 225 0.97 -20.03 14.29
C THR A 225 -0.27 -20.88 14.06
N SER A 226 -0.64 -21.68 15.04
CA SER A 226 -1.74 -22.61 14.88
C SER A 226 -3.05 -21.87 14.70
N GLY A 227 -3.90 -22.40 13.83
CA GLY A 227 -5.22 -21.85 13.66
C GLY A 227 -5.19 -20.50 12.95
N THR A 228 -6.35 -19.85 12.98
CA THR A 228 -6.53 -18.55 12.34
C THR A 228 -6.61 -17.47 13.40
N PRO A 229 -5.67 -16.53 13.45
CA PRO A 229 -5.76 -15.46 14.45
C PRO A 229 -6.98 -14.58 14.20
N THR A 230 -7.42 -13.91 15.26
CA THR A 230 -8.57 -13.04 15.17
C THR A 230 -8.34 -11.97 14.11
N ASN A 231 -9.14 -12.00 13.04
CA ASN A 231 -9.02 -11.05 11.94
C ASN A 231 -10.45 -10.68 11.54
N ILE A 232 -10.91 -9.53 12.03
CA ILE A 232 -12.33 -9.17 11.93
C ILE A 232 -12.44 -7.69 11.62
N TYR A 233 -13.44 -7.36 10.80
CA TYR A 233 -13.77 -5.99 10.44
C TYR A 233 -15.12 -5.67 11.06
N HIS A 234 -15.11 -4.90 12.14
CA HIS A 234 -16.31 -4.68 12.95
C HIS A 234 -17.28 -3.70 12.33
N GLY A 235 -16.85 -2.90 11.36
CA GLY A 235 -17.72 -1.90 10.78
C GLY A 235 -17.44 -0.51 11.34
N THR A 236 -18.39 0.38 11.12
CA THR A 236 -18.25 1.79 11.45
C THR A 236 -18.89 2.06 12.80
N ASP A 237 -18.13 2.68 13.70
CA ASP A 237 -18.66 3.12 14.97
C ASP A 237 -19.44 4.42 14.75
N PRO A 238 -20.71 4.50 15.17
CA PRO A 238 -21.52 5.66 14.76
C PRO A 238 -20.95 6.99 15.19
N ASP A 239 -20.30 7.08 16.34
CA ASP A 239 -19.83 8.38 16.82
C ASP A 239 -18.80 9.01 15.90
N ASP A 240 -18.11 8.22 15.09
CA ASP A 240 -17.02 8.71 14.26
C ASP A 240 -17.37 8.71 12.77
N VAL A 241 -18.63 8.95 12.43
CA VAL A 241 -19.02 8.98 11.02
C VAL A 241 -18.93 10.41 10.51
N GLN A 242 -18.29 10.58 9.36
CA GLN A 242 -18.27 11.84 8.63
C GLN A 242 -18.44 11.55 7.15
N PHE A 243 -19.45 12.17 6.54
CA PHE A 243 -19.79 11.94 5.14
C PHE A 243 -19.83 13.29 4.44
N TYR A 244 -18.66 13.74 3.98
CA TYR A 244 -18.55 15.02 3.33
C TYR A 244 -19.04 14.96 1.89
N THR A 245 -19.50 16.11 1.39
CA THR A 245 -19.92 16.25 0.01
C THR A 245 -19.55 17.64 -0.47
N ILE A 246 -18.95 17.72 -1.66
CA ILE A 246 -18.52 19.01 -2.18
C ILE A 246 -19.73 19.90 -2.44
N GLU A 247 -20.82 19.31 -2.92
CA GLU A 247 -22.01 20.09 -3.24
C GLU A 247 -22.61 20.77 -2.02
N ASN A 248 -22.29 20.30 -0.82
CA ASN A 248 -22.87 20.87 0.40
C ASN A 248 -21.92 21.79 1.15
N SER A 249 -20.61 21.68 0.93
CA SER A 249 -19.64 22.40 1.73
C SER A 249 -18.78 23.38 0.96
N VAL A 250 -18.80 23.33 -0.37
CA VAL A 250 -17.93 24.19 -1.18
C VAL A 250 -18.76 24.84 -2.29
N PRO A 251 -18.68 26.15 -2.49
CA PRO A 251 -19.32 26.75 -3.66
C PRO A 251 -18.74 26.18 -4.95
N VAL A 252 -19.60 26.00 -5.94
CA VAL A 252 -19.24 25.34 -7.19
C VAL A 252 -19.47 26.32 -8.34
N HIS A 253 -18.43 26.53 -9.14
CA HIS A 253 -18.50 27.39 -10.31
C HIS A 253 -18.71 26.54 -11.56
N LEU A 254 -19.64 26.96 -12.40
CA LEU A 254 -19.88 26.30 -13.67
C LEU A 254 -19.16 27.07 -14.77
N LEU A 255 -18.20 26.43 -15.42
CA LEU A 255 -17.39 27.05 -16.45
C LEU A 255 -17.75 26.46 -17.80
N ARG A 256 -18.24 27.30 -18.70
CA ARG A 256 -18.41 26.91 -20.09
C ARG A 256 -17.13 27.20 -20.86
N THR A 257 -17.17 26.94 -22.16
CA THR A 257 -15.96 27.03 -22.97
C THR A 257 -15.35 28.42 -22.95
N GLY A 258 -16.12 29.44 -22.60
CA GLY A 258 -15.62 30.79 -22.57
C GLY A 258 -15.34 31.36 -21.18
N ASP A 259 -15.29 30.52 -20.16
CA ASP A 259 -15.11 30.96 -18.79
C ASP A 259 -13.74 30.53 -18.28
N GLU A 260 -13.32 31.16 -17.18
CA GLU A 260 -12.04 30.85 -16.55
C GLU A 260 -12.20 31.04 -15.05
N PHE A 261 -11.35 30.36 -14.29
CA PHE A 261 -11.41 30.37 -12.84
C PHE A 261 -10.02 30.56 -12.26
N ALA A 262 -9.91 31.48 -11.31
CA ALA A 262 -8.65 31.76 -10.62
C ALA A 262 -8.86 31.67 -9.12
N THR A 263 -7.92 31.00 -8.45
CA THR A 263 -8.06 30.78 -7.02
C THR A 263 -7.62 31.96 -6.18
N GLY A 264 -6.90 32.91 -6.76
CA GLY A 264 -6.34 34.00 -6.00
C GLY A 264 -5.07 33.57 -5.30
N THR A 265 -4.26 34.53 -4.88
CA THR A 265 -2.98 34.20 -4.27
C THR A 265 -3.17 33.78 -2.82
N PHE A 266 -2.56 32.66 -2.46
CA PHE A 266 -2.52 32.21 -1.08
C PHE A 266 -1.11 32.41 -0.53
N PHE A 267 -1.02 32.90 0.69
CA PHE A 267 0.26 33.22 1.31
C PHE A 267 0.53 32.23 2.43
N PHE A 268 1.72 31.65 2.40
CA PHE A 268 2.10 30.65 3.38
C PHE A 268 2.71 31.31 4.62
N ASP A 269 2.93 30.50 5.65
CA ASP A 269 3.62 30.92 6.86
C ASP A 269 4.53 29.81 7.38
N CYS A 270 5.01 28.94 6.50
CA CYS A 270 5.76 27.77 6.91
C CYS A 270 7.17 28.15 7.35
N LYS A 271 7.75 27.31 8.20
CA LYS A 271 9.11 27.51 8.65
C LYS A 271 10.08 27.31 7.48
N PRO A 272 11.24 27.94 7.53
CA PRO A 272 12.21 27.74 6.44
C PRO A 272 12.70 26.31 6.36
N CYS A 273 13.06 25.91 5.14
CA CYS A 273 13.64 24.59 4.89
C CYS A 273 15.13 24.76 4.58
N ARG A 274 15.97 24.05 5.33
CA ARG A 274 17.41 24.17 5.15
C ARG A 274 17.88 23.28 4.02
N LEU A 275 18.69 23.83 3.13
CA LEU A 275 19.29 23.08 2.02
C LEU A 275 20.72 22.68 2.33
N THR A 276 21.02 22.42 3.59
CA THR A 276 22.34 21.99 4.01
C THR A 276 22.18 20.85 5.00
N HIS A 277 23.13 19.90 4.95
CA HIS A 277 23.08 18.72 5.78
C HIS A 277 24.11 18.82 6.88
N THR A 278 23.82 18.15 7.99
CA THR A 278 24.69 18.15 9.16
C THR A 278 25.42 16.82 9.24
N TRP A 279 26.75 16.89 9.41
CA TRP A 279 27.55 15.68 9.47
C TRP A 279 27.98 15.33 10.89
N GLN A 280 27.95 16.28 11.81
CA GLN A 280 28.46 16.06 13.15
C GLN A 280 27.48 15.21 13.95
N THR A 281 27.98 14.12 14.52
CA THR A 281 27.25 13.36 15.52
C THR A 281 27.85 13.68 16.90
N ASN A 282 27.40 12.96 17.93
CA ASN A 282 27.88 13.24 19.28
C ASN A 282 29.39 13.16 19.37
N ARG A 283 30.00 12.22 18.65
CA ARG A 283 31.44 12.03 18.73
C ARG A 283 32.22 13.20 18.15
N ALA A 284 31.58 14.09 17.42
CA ALA A 284 32.26 15.21 16.79
C ALA A 284 31.73 16.56 17.27
N LEU A 285 31.28 16.64 18.53
CA LEU A 285 30.81 17.89 19.10
C LEU A 285 31.80 18.40 20.14
N GLY A 286 32.12 19.68 20.07
CA GLY A 286 32.95 20.29 21.07
C GLY A 286 34.43 20.23 20.74
N LEU A 287 35.23 20.49 21.77
CA LEU A 287 36.67 20.59 21.60
C LEU A 287 37.30 19.20 21.60
N PRO A 288 38.05 18.82 20.57
CA PRO A 288 38.69 17.51 20.56
C PRO A 288 39.73 17.41 21.65
N PRO A 289 40.20 16.21 21.96
CA PRO A 289 41.28 16.07 22.94
C PRO A 289 42.58 16.64 22.42
N PHE A 290 43.43 17.07 23.35
CA PHE A 290 44.73 17.61 22.97
C PHE A 290 45.68 16.47 22.66
N LEU A 291 46.24 16.50 21.45
CA LEU A 291 47.17 15.45 21.00
C LEU A 291 48.56 15.85 21.44
N ASN A 292 49.08 15.18 22.47
CA ASN A 292 50.40 15.52 22.98
C ASN A 292 51.52 15.07 22.05
N SER A 293 51.27 14.07 21.21
CA SER A 293 52.26 13.58 20.26
C SER A 293 51.64 13.55 18.88
N LEU A 294 52.24 14.28 17.95
CA LEU A 294 51.71 14.42 16.60
C LEU A 294 52.61 13.70 15.61
N PRO A 295 52.06 13.25 14.48
CA PRO A 295 52.86 12.48 13.52
C PRO A 295 53.99 13.34 12.96
N GLN A 296 55.10 12.69 12.62
CA GLN A 296 56.26 13.38 12.08
C GLN A 296 56.46 13.17 10.59
N SER A 297 55.86 12.13 10.00
CA SER A 297 56.03 11.86 8.58
C SER A 297 54.70 11.39 8.00
N GLU A 298 54.38 11.92 6.83
CA GLU A 298 53.11 11.58 6.18
C GLU A 298 53.07 10.09 5.86
N GLY A 299 51.91 9.51 6.06
CA GLY A 299 51.73 8.09 5.83
C GLY A 299 50.41 7.60 6.38
N GLY A 300 50.00 6.42 5.91
CA GLY A 300 48.73 5.85 6.33
C GLY A 300 48.76 5.23 7.71
N THR A 301 49.95 5.07 8.29
CA THR A 301 50.09 4.48 9.62
C THR A 301 50.62 5.46 10.64
N ASN A 302 50.88 6.71 10.25
CA ASN A 302 51.38 7.72 11.16
C ASN A 302 50.19 8.49 11.75
N PHE A 303 49.67 7.95 12.84
CA PHE A 303 48.54 8.58 13.52
C PHE A 303 49.04 9.44 14.68
N GLY A 304 48.17 10.35 15.13
CA GLY A 304 48.46 11.11 16.32
C GLY A 304 48.06 10.37 17.57
N TYR A 305 48.80 10.61 18.64
CA TYR A 305 48.59 9.93 19.91
C TYR A 305 48.34 10.94 21.01
N ILE A 306 47.28 10.69 21.80
CA ILE A 306 46.94 11.60 22.88
C ILE A 306 47.99 11.57 23.97
N GLY A 307 48.58 10.40 24.24
CA GLY A 307 49.69 10.31 25.15
C GLY A 307 49.30 9.98 26.57
N VAL A 308 48.35 10.74 27.12
CA VAL A 308 47.97 10.55 28.51
C VAL A 308 47.13 9.29 28.64
N GLN A 309 47.38 8.54 29.71
CA GLN A 309 46.60 7.33 29.96
C GLN A 309 45.14 7.69 30.21
N GLN A 310 44.24 6.77 29.86
CA GLN A 310 42.82 7.09 29.86
C GLN A 310 42.33 7.48 31.24
N ASP A 311 42.73 6.74 32.27
CA ASP A 311 42.23 6.99 33.62
C ASP A 311 42.74 8.29 34.21
N LYS A 312 43.85 8.84 33.70
CA LYS A 312 44.44 10.05 34.24
C LYS A 312 44.10 11.29 33.42
N ARG A 313 43.15 11.20 32.51
CA ARG A 313 42.81 12.33 31.67
C ARG A 313 41.92 13.32 32.43
N ARG A 314 41.79 14.51 31.86
CA ARG A 314 41.04 15.60 32.46
C ARG A 314 39.85 15.96 31.59
N GLY A 315 38.67 16.02 32.21
CA GLY A 315 37.46 16.31 31.47
C GLY A 315 36.25 16.17 32.37
N VAL A 316 35.08 16.04 31.72
CA VAL A 316 33.81 15.86 32.42
C VAL A 316 33.03 14.75 31.73
N THR A 317 32.49 13.82 32.53
CA THR A 317 31.69 12.72 32.02
C THR A 317 30.43 12.57 32.86
N GLN A 318 29.33 12.20 32.21
CA GLN A 318 28.08 11.98 32.91
C GLN A 318 28.10 10.71 33.74
N MET A 319 29.10 9.85 33.57
CA MET A 319 29.22 8.63 34.35
C MET A 319 29.99 8.94 35.62
N GLY A 320 29.31 8.84 36.76
CA GLY A 320 29.91 9.28 38.01
C GLY A 320 30.70 8.22 38.74
N ASN A 321 30.89 7.04 38.14
CA ASN A 321 31.57 5.95 38.82
C ASN A 321 32.74 5.40 38.02
N THR A 322 33.19 6.13 36.99
CA THR A 322 34.34 5.71 36.20
C THR A 322 35.29 6.88 36.03
N ASN A 323 36.57 6.63 36.22
CA ASN A 323 37.60 7.63 35.97
C ASN A 323 38.10 7.59 34.54
N TYR A 324 37.61 6.67 33.72
CA TYR A 324 38.03 6.53 32.33
C TYR A 324 37.33 7.60 31.51
N ILE A 325 38.08 8.61 31.09
CA ILE A 325 37.57 9.65 30.20
C ILE A 325 38.01 9.30 28.79
N THR A 326 37.04 9.11 27.89
CA THR A 326 37.31 8.64 26.55
C THR A 326 36.55 9.49 25.55
N GLU A 327 36.90 9.31 24.27
CA GLU A 327 36.16 9.97 23.20
C GLU A 327 34.72 9.50 23.15
N ALA A 328 34.39 8.40 23.82
CA ALA A 328 33.03 7.89 23.82
C ALA A 328 32.28 8.30 25.09
N THR A 329 32.95 8.34 26.24
CA THR A 329 32.30 8.63 27.50
C THR A 329 32.24 10.11 27.83
N ILE A 330 32.90 10.96 27.03
CA ILE A 330 32.92 12.39 27.33
C ILE A 330 31.51 12.94 27.21
N MET A 331 31.23 14.02 27.92
CA MET A 331 29.89 14.61 27.96
C MET A 331 29.72 15.56 26.78
N ARG A 332 28.77 15.25 25.91
CA ARG A 332 28.41 16.16 24.84
C ARG A 332 27.24 17.03 25.26
N PRO A 333 27.04 18.17 24.61
CA PRO A 333 25.93 19.05 24.99
C PRO A 333 24.58 18.37 24.96
N ALA A 334 24.33 17.53 23.96
CA ALA A 334 23.03 16.90 23.79
C ALA A 334 23.22 15.73 22.82
N GLU A 335 22.09 15.14 22.43
CA GLU A 335 22.09 13.94 21.59
C GLU A 335 21.60 14.31 20.19
N VAL A 336 22.46 14.08 19.20
CA VAL A 336 22.07 14.28 17.80
C VAL A 336 21.56 12.95 17.26
N GLY A 337 20.26 12.86 17.05
CA GLY A 337 19.63 11.64 16.61
C GLY A 337 19.00 10.87 17.76
N TYR A 338 18.12 9.95 17.39
CA TYR A 338 17.42 9.12 18.36
C TYR A 338 17.16 7.75 17.75
N SER A 339 17.41 6.71 18.53
CA SER A 339 17.05 5.36 18.13
C SER A 339 15.57 5.13 18.39
N ALA A 340 14.91 4.49 17.44
CA ALA A 340 13.50 4.19 17.53
C ALA A 340 13.26 2.75 17.14
N PRO A 341 12.21 2.12 17.66
CA PRO A 341 11.90 0.75 17.24
C PRO A 341 11.66 0.68 15.75
N TYR A 342 12.50 -0.07 15.05
CA TYR A 342 12.47 -0.11 13.60
C TYR A 342 11.77 -1.37 13.14
N TYR A 343 10.89 -1.21 12.14
CA TYR A 343 9.94 -2.24 11.73
C TYR A 343 9.07 -2.67 12.92
N SER A 344 8.58 -1.69 13.66
CA SER A 344 7.61 -1.93 14.71
C SER A 344 6.23 -1.54 14.23
N PHE A 345 5.24 -2.39 14.48
CA PHE A 345 3.88 -2.18 14.01
C PHE A 345 2.96 -1.96 15.19
N GLU A 346 2.20 -0.87 15.13
CA GLU A 346 1.32 -0.47 16.22
C GLU A 346 -0.13 -0.57 15.76
N ALA A 347 -0.97 -1.15 16.61
CA ALA A 347 -2.37 -1.34 16.27
C ALA A 347 -3.23 -0.27 16.90
N SER A 348 -4.26 0.14 16.18
CA SER A 348 -5.25 1.08 16.68
C SER A 348 -6.61 0.64 16.16
N THR A 349 -7.60 1.54 16.29
CA THR A 349 -8.96 1.20 15.89
C THR A 349 -9.01 0.70 14.46
N GLN A 350 -8.18 1.26 13.58
CA GLN A 350 -8.23 0.91 12.16
C GLN A 350 -7.29 -0.23 11.79
N GLY A 351 -6.53 -0.75 12.74
CA GLY A 351 -5.66 -1.86 12.46
C GLY A 351 -4.19 -1.50 12.66
N PRO A 352 -3.29 -2.25 12.04
CA PRO A 352 -1.87 -2.01 12.23
C PRO A 352 -1.31 -0.97 11.27
N PHE A 353 -0.36 -0.20 11.77
CA PHE A 353 0.37 0.76 10.96
C PHE A 353 1.83 0.74 11.36
N LYS A 354 2.70 1.07 10.42
CA LYS A 354 4.13 1.09 10.69
C LYS A 354 4.51 2.37 11.42
N THR A 355 5.28 2.22 12.50
CA THR A 355 5.75 3.36 13.26
C THR A 355 6.70 4.19 12.40
N PRO A 356 6.43 5.47 12.19
CA PRO A 356 7.33 6.29 11.39
C PRO A 356 8.60 6.63 12.16
N ILE A 357 9.65 6.94 11.40
CA ILE A 357 10.92 7.39 11.96
C ILE A 357 11.43 8.52 11.08
N ALA A 358 12.03 9.54 11.72
CA ALA A 358 12.36 10.78 11.05
C ALA A 358 13.85 10.92 10.75
N ALA A 359 14.57 9.80 10.69
CA ALA A 359 16.00 9.83 10.41
C ALA A 359 16.36 8.67 9.50
N GLY A 360 17.44 8.85 8.77
CA GLY A 360 17.95 7.79 7.92
C GLY A 360 18.83 6.82 8.67
N ARG A 361 19.38 5.87 7.93
CA ARG A 361 20.25 4.86 8.51
C ARG A 361 21.71 5.27 8.39
N GLY A 362 22.55 4.65 9.22
CA GLY A 362 23.96 4.90 9.16
C GLY A 362 24.69 3.86 8.32
N GLY A 363 25.52 4.34 7.40
CA GLY A 363 26.25 3.49 6.49
C GLY A 363 25.49 3.05 5.26
N ALA A 364 24.21 3.43 5.14
CA ALA A 364 23.43 3.07 3.96
C ALA A 364 23.90 3.83 2.73
N GLN A 365 24.63 4.93 2.90
CA GLN A 365 25.13 5.69 1.75
C GLN A 365 26.10 4.88 0.90
N THR A 366 26.70 3.82 1.46
CA THR A 366 27.62 3.01 0.69
C THR A 366 26.92 2.35 -0.49
N ASP A 367 25.71 1.85 -0.29
CA ASP A 367 24.96 1.19 -1.37
C ASP A 367 23.48 1.39 -1.10
N GLU A 368 22.74 1.80 -2.13
CA GLU A 368 21.31 1.97 -2.00
C GLU A 368 20.59 0.65 -1.72
N ASN A 369 21.11 -0.46 -2.23
CA ASN A 369 20.49 -1.75 -1.99
C ASN A 369 20.59 -2.19 -0.54
N GLN A 370 21.46 -1.56 0.25
CA GLN A 370 21.63 -1.88 1.66
C GLN A 370 20.82 -0.97 2.57
N ALA A 371 19.81 -0.28 2.04
CA ALA A 371 18.99 0.60 2.84
C ALA A 371 18.16 -0.21 3.83
N ALA A 372 17.59 0.50 4.80
CA ALA A 372 16.79 -0.13 5.84
C ALA A 372 15.78 0.91 6.35
N ASP A 373 15.18 0.62 7.50
CA ASP A 373 14.09 1.46 8.01
C ASP A 373 14.53 2.91 8.11
N GLY A 374 13.64 3.80 7.66
CA GLY A 374 13.86 5.23 7.74
C GLY A 374 14.17 5.89 6.42
N ASP A 375 14.67 5.15 5.45
CA ASP A 375 14.97 5.72 4.14
C ASP A 375 13.70 5.69 3.29
N PRO A 376 13.18 6.84 2.88
CA PRO A 376 11.92 6.85 2.12
C PRO A 376 12.12 6.27 0.73
N ARG A 377 11.23 5.35 0.35
CA ARG A 377 11.26 4.72 -0.96
C ARG A 377 10.06 5.19 -1.78
N TYR A 378 10.34 5.72 -2.96
CA TYR A 378 9.32 6.26 -3.84
C TYR A 378 9.16 5.36 -5.05
N ALA A 379 7.90 5.03 -5.36
CA ALA A 379 7.55 4.31 -6.58
C ALA A 379 6.65 5.21 -7.43
N PHE A 380 6.97 5.31 -8.71
CA PHE A 380 6.30 6.30 -9.57
C PHE A 380 6.09 5.70 -10.95
N GLY A 381 5.19 6.33 -11.71
CA GLY A 381 4.84 5.88 -13.04
C GLY A 381 5.40 6.78 -14.13
N ARG A 382 4.93 6.51 -15.35
CA ARG A 382 5.46 7.20 -16.52
C ARG A 382 5.12 8.68 -16.55
N GLN A 383 4.11 9.11 -15.79
CA GLN A 383 3.85 10.53 -15.67
C GLN A 383 4.85 11.22 -14.76
N HIS A 384 5.43 10.50 -13.80
CA HIS A 384 6.20 11.12 -12.73
C HIS A 384 7.66 10.67 -12.72
N GLY A 385 8.25 10.43 -13.88
CA GLY A 385 9.69 10.21 -13.94
C GLY A 385 10.09 8.94 -14.67
N GLN A 386 9.26 7.91 -14.62
CA GLN A 386 9.63 6.66 -15.25
C GLN A 386 9.75 6.87 -16.76
N LYS A 387 10.71 6.18 -17.36
CA LYS A 387 10.95 6.28 -18.79
C LYS A 387 9.63 6.15 -19.55
N THR A 388 9.25 7.22 -20.26
CA THR A 388 7.92 7.29 -20.84
C THR A 388 7.70 6.27 -21.94
N THR A 389 8.76 5.60 -22.41
CA THR A 389 8.64 4.57 -23.43
C THR A 389 8.79 3.16 -22.85
N THR A 390 8.68 3.01 -21.53
CA THR A 390 8.81 1.70 -20.92
C THR A 390 7.53 0.89 -21.11
N THR A 391 7.69 -0.38 -21.41
CA THR A 391 6.58 -1.31 -21.46
C THR A 391 6.39 -1.95 -20.10
N GLY A 392 5.14 -2.31 -19.79
CA GLY A 392 4.82 -2.93 -18.53
C GLY A 392 4.35 -1.93 -17.50
N GLU A 393 3.72 -2.45 -16.45
CA GLU A 393 3.13 -1.63 -15.39
C GLU A 393 3.99 -1.60 -14.13
N THR A 394 5.20 -2.13 -14.18
CA THR A 394 6.04 -2.14 -12.99
C THR A 394 6.52 -0.73 -12.69
N PRO A 395 6.20 -0.17 -11.53
CA PRO A 395 6.62 1.21 -11.25
C PRO A 395 8.12 1.33 -11.07
N GLU A 396 8.65 2.50 -11.41
CA GLU A 396 10.05 2.77 -11.17
C GLU A 396 10.26 3.20 -9.73
N ARG A 397 11.27 2.62 -9.09
CA ARG A 397 11.45 2.74 -7.65
C ARG A 397 12.82 3.30 -7.33
N PHE A 398 12.90 4.04 -6.22
CA PHE A 398 14.21 4.42 -5.69
C PHE A 398 14.08 4.73 -4.21
N THR A 399 15.12 4.41 -3.47
CA THR A 399 15.23 4.74 -2.05
C THR A 399 16.13 5.96 -1.91
N TYR A 400 15.63 6.98 -1.22
CA TYR A 400 16.34 8.24 -1.07
C TYR A 400 17.20 8.17 0.17
N ILE A 401 18.51 8.01 -0.02
CA ILE A 401 19.46 7.97 1.08
C ILE A 401 19.89 9.41 1.33
N ALA A 402 19.30 10.04 2.34
CA ALA A 402 19.58 11.44 2.61
C ALA A 402 21.04 11.64 2.99
N HIS A 403 21.57 12.81 2.62
CA HIS A 403 22.97 13.13 2.89
C HIS A 403 23.24 13.44 4.34
N GLN A 404 22.23 13.75 5.14
CA GLN A 404 22.44 14.09 6.53
C GLN A 404 22.83 12.86 7.33
N ASP A 405 23.85 13.02 8.19
CA ASP A 405 24.42 11.92 8.94
C ASP A 405 23.97 11.93 10.41
N THR A 406 22.71 12.24 10.66
CA THR A 406 22.17 12.25 12.02
C THR A 406 21.42 10.97 12.38
N GLY A 407 21.59 9.90 11.61
CA GLY A 407 20.91 8.66 11.86
C GLY A 407 21.62 7.80 12.88
N ARG A 408 21.17 6.55 12.99
CA ARG A 408 21.73 5.60 13.94
C ARG A 408 22.10 4.32 13.21
N TYR A 409 23.06 3.60 13.78
CA TYR A 409 23.58 2.36 13.23
C TYR A 409 23.34 1.28 14.28
N PRO A 410 22.22 0.57 14.21
CA PRO A 410 21.81 -0.29 15.33
C PRO A 410 22.83 -1.34 15.71
N GLU A 411 23.59 -1.86 14.75
CA GLU A 411 24.58 -2.88 15.08
C GLU A 411 25.65 -2.36 16.02
N GLY A 412 25.82 -1.04 16.12
CA GLY A 412 26.84 -0.47 16.97
C GLY A 412 26.48 -0.33 18.43
N ASP A 413 25.52 0.55 18.74
CA ASP A 413 25.26 0.87 20.15
C ASP A 413 24.82 -0.36 20.92
N TRP A 414 25.26 -0.43 22.17
CA TRP A 414 25.02 -1.55 23.05
C TRP A 414 24.72 -1.04 24.44
N ILE A 415 24.44 -1.98 25.35
CA ILE A 415 24.11 -1.67 26.73
C ILE A 415 24.97 -2.54 27.64
N GLN A 416 25.41 -1.98 28.76
CA GLN A 416 26.23 -2.72 29.71
C GLN A 416 25.85 -2.32 31.13
N ASN A 417 26.29 -3.14 32.08
CA ASN A 417 25.89 -2.96 33.47
C ASN A 417 26.45 -1.65 34.02
N ILE A 418 25.77 -1.14 35.05
CA ILE A 418 26.14 0.15 35.63
C ILE A 418 27.52 0.11 36.25
N ASN A 419 27.93 -1.03 36.78
CA ASN A 419 29.24 -1.12 37.44
C ASN A 419 30.35 -0.69 36.50
N PHE A 420 30.18 -0.92 35.20
CA PHE A 420 31.17 -0.51 34.19
C PHE A 420 32.53 -1.14 34.46
N ASN A 421 32.53 -2.39 34.90
CA ASN A 421 33.76 -3.16 34.93
C ASN A 421 34.18 -3.50 33.51
N LEU A 422 35.47 -3.31 33.22
CA LEU A 422 35.98 -3.53 31.88
C LEU A 422 37.14 -4.52 31.92
N PRO A 423 37.24 -5.41 30.94
CA PRO A 423 36.32 -5.64 29.82
C PRO A 423 35.03 -6.29 30.30
N VAL A 424 33.91 -6.01 29.65
CA VAL A 424 32.62 -6.51 30.11
C VAL A 424 32.53 -8.00 29.84
N THR A 425 31.75 -8.70 30.67
CA THR A 425 31.49 -10.12 30.49
C THR A 425 30.08 -10.32 29.92
N ASP A 426 29.75 -11.57 29.64
CA ASP A 426 28.46 -11.86 29.04
C ASP A 426 27.31 -11.42 29.94
N ASP A 427 27.43 -11.65 31.25
CA ASP A 427 26.35 -11.34 32.17
C ASP A 427 26.15 -9.84 32.37
N ASN A 428 27.11 -9.01 31.96
CA ASN A 428 27.05 -7.58 32.23
C ASN A 428 26.86 -6.74 30.98
N VAL A 429 26.59 -7.35 29.82
CA VAL A 429 26.40 -6.63 28.57
C VAL A 429 25.18 -7.20 27.85
N LEU A 430 24.59 -6.36 27.01
CA LEU A 430 23.46 -6.76 26.16
C LEU A 430 23.80 -6.33 24.73
N LEU A 431 24.50 -7.19 24.02
CA LEU A 431 24.96 -6.88 22.68
C LEU A 431 23.83 -6.98 21.68
N PRO A 432 23.95 -6.32 20.52
CA PRO A 432 22.92 -6.47 19.48
C PRO A 432 22.77 -7.89 18.99
N THR A 433 23.77 -8.75 19.21
CA THR A 433 23.65 -10.15 18.81
C THR A 433 22.82 -10.97 19.79
N ASP A 434 22.44 -10.41 20.93
CA ASP A 434 21.70 -11.17 21.93
C ASP A 434 20.23 -11.21 21.59
N PRO A 435 19.56 -12.36 21.76
CA PRO A 435 18.13 -12.41 21.45
C PRO A 435 17.29 -11.80 22.56
N ILE A 436 16.07 -11.41 22.21
CA ILE A 436 15.09 -10.90 23.15
C ILE A 436 13.85 -11.79 23.07
N GLY A 437 13.44 -12.34 24.21
CA GLY A 437 12.30 -13.23 24.21
C GLY A 437 12.55 -14.54 23.49
N GLY A 438 13.81 -14.90 23.28
CA GLY A 438 14.13 -16.15 22.63
C GLY A 438 14.13 -16.12 21.12
N LYS A 439 13.82 -14.97 20.52
CA LYS A 439 13.80 -14.86 19.07
C LYS A 439 15.21 -14.54 18.58
N THR A 440 15.76 -15.43 17.75
CA THR A 440 17.15 -15.29 17.31
C THR A 440 17.35 -14.15 16.34
N GLY A 441 16.30 -13.69 15.67
CA GLY A 441 16.44 -12.66 14.66
C GLY A 441 16.06 -11.28 15.14
N ILE A 442 15.53 -11.18 16.36
CA ILE A 442 15.13 -9.91 16.95
C ILE A 442 16.02 -9.65 18.15
N ASN A 443 16.67 -8.50 18.15
CA ASN A 443 17.56 -8.08 19.22
C ASN A 443 16.96 -6.88 19.93
N TYR A 444 17.72 -6.33 20.88
CA TYR A 444 17.18 -5.32 21.77
C TYR A 444 16.93 -4.00 21.05
N THR A 445 17.76 -3.67 20.05
CA THR A 445 17.58 -2.41 19.35
C THR A 445 16.21 -2.32 18.70
N ASN A 446 15.55 -3.44 18.45
CA ASN A 446 14.23 -3.42 17.83
C ASN A 446 13.18 -2.82 18.75
N ILE A 447 13.39 -2.87 20.06
CA ILE A 447 12.43 -2.35 21.02
C ILE A 447 13.03 -1.24 21.88
N PHE A 448 14.00 -0.53 21.34
CA PHE A 448 14.76 0.48 22.08
C PHE A 448 14.41 1.86 21.57
N ASN A 449 14.05 2.77 22.48
CA ASN A 449 13.76 4.16 22.15
C ASN A 449 14.62 5.06 23.02
N THR A 450 15.45 5.88 22.40
CA THR A 450 16.32 6.81 23.10
C THR A 450 15.83 8.25 22.97
N TYR A 451 14.66 8.48 22.39
CA TYR A 451 14.14 9.84 22.31
C TYR A 451 13.96 10.39 23.71
N GLY A 452 14.48 11.59 23.94
CA GLY A 452 14.45 12.18 25.24
C GLY A 452 14.54 13.69 25.18
N PRO A 453 14.60 14.35 26.35
CA PRO A 453 14.64 15.80 26.36
C PRO A 453 15.84 16.39 25.62
N LEU A 454 16.93 15.63 25.51
CA LEU A 454 18.12 16.13 24.84
C LEU A 454 18.13 15.84 23.34
N THR A 455 17.13 15.15 22.81
CA THR A 455 17.14 14.76 21.41
C THR A 455 17.07 15.98 20.51
N ALA A 456 17.87 15.97 19.46
CA ALA A 456 17.85 16.98 18.41
C ALA A 456 17.83 16.29 17.06
N LEU A 457 17.11 16.87 16.10
CA LEU A 457 16.96 16.24 14.81
C LEU A 457 16.66 17.30 13.76
N ASN A 458 16.84 16.93 12.50
CA ASN A 458 16.63 17.83 11.37
C ASN A 458 15.32 17.53 10.67
N ASN A 459 14.83 18.51 9.93
CA ASN A 459 13.60 18.35 9.17
C ASN A 459 13.85 17.47 7.96
N VAL A 460 12.78 16.89 7.42
CA VAL A 460 12.92 15.96 6.31
C VAL A 460 13.49 16.70 5.11
N PRO A 461 14.45 16.14 4.37
CA PRO A 461 15.01 16.84 3.21
C PRO A 461 14.06 16.75 2.03
N PRO A 462 14.06 17.74 1.16
CA PRO A 462 13.20 17.66 -0.03
C PRO A 462 13.61 16.49 -0.91
N VAL A 463 12.64 15.89 -1.58
CA VAL A 463 12.88 14.81 -2.54
C VAL A 463 12.40 15.29 -3.90
N TYR A 464 13.28 15.24 -4.88
CA TYR A 464 12.97 15.66 -6.23
C TYR A 464 12.96 14.45 -7.16
N PRO A 465 12.01 14.36 -8.11
CA PRO A 465 10.88 15.24 -8.37
C PRO A 465 9.61 14.80 -7.66
N ASN A 466 9.62 13.60 -7.07
CA ASN A 466 8.39 12.99 -6.58
C ASN A 466 7.99 13.44 -5.18
N GLY A 467 8.79 14.27 -4.53
CA GLY A 467 8.52 14.63 -3.16
C GLY A 467 7.43 15.67 -3.03
N GLN A 468 6.72 15.61 -1.89
CA GLN A 468 5.69 16.58 -1.58
C GLN A 468 6.31 17.89 -1.12
N ILE A 469 5.60 18.99 -1.35
CA ILE A 469 6.09 20.30 -0.96
C ILE A 469 5.57 20.72 0.41
N TRP A 470 4.26 20.77 0.58
CA TRP A 470 3.65 21.25 1.82
C TRP A 470 2.63 20.23 2.31
N ASP A 471 2.39 20.27 3.63
CA ASP A 471 1.42 19.42 4.27
C ASP A 471 0.70 20.21 5.34
N LYS A 472 -0.50 19.77 5.70
CA LYS A 472 -1.30 20.47 6.68
C LYS A 472 -0.92 20.03 8.10
N GLU A 473 -0.85 21.01 9.00
CA GLU A 473 -0.63 20.71 10.39
C GLU A 473 -1.86 20.05 10.98
N PHE A 474 -1.63 19.15 11.94
CA PHE A 474 -2.73 18.38 12.51
C PHE A 474 -3.63 19.25 13.37
N ASP A 475 -4.86 18.79 13.57
CA ASP A 475 -5.84 19.48 14.39
C ASP A 475 -5.71 19.16 15.87
N THR A 476 -4.80 18.26 16.25
CA THR A 476 -4.66 17.87 17.64
C THR A 476 -4.17 19.04 18.48
N ASP A 477 -4.57 19.03 19.76
CA ASP A 477 -4.16 20.11 20.66
C ASP A 477 -2.64 20.17 20.78
N LEU A 478 -1.99 19.02 20.97
CA LEU A 478 -0.55 18.92 20.91
C LEU A 478 -0.16 18.35 19.55
N LYS A 479 0.71 19.06 18.84
CA LYS A 479 0.96 18.77 17.45
C LYS A 479 2.35 18.18 17.26
N PRO A 480 2.55 17.35 16.24
CA PRO A 480 3.87 16.75 16.04
C PRO A 480 4.93 17.80 15.75
N ARG A 481 6.16 17.48 16.13
CA ARG A 481 7.25 18.42 15.95
C ARG A 481 7.62 18.56 14.47
N LEU A 482 7.51 17.48 13.70
CA LEU A 482 7.83 17.54 12.28
C LEU A 482 7.06 16.46 11.56
N HIS A 483 6.95 16.61 10.24
CA HIS A 483 6.29 15.65 9.37
C HIS A 483 7.32 14.89 8.56
N VAL A 484 7.04 13.60 8.34
CA VAL A 484 8.00 12.75 7.64
C VAL A 484 7.83 12.80 6.13
N ASN A 485 6.86 13.56 5.61
CA ASN A 485 6.53 13.55 4.20
C ASN A 485 6.78 14.88 3.49
N ALA A 486 6.58 16.01 4.17
CA ALA A 486 6.76 17.31 3.55
C ALA A 486 7.64 18.19 4.43
N PRO A 487 8.54 18.99 3.83
CA PRO A 487 9.38 19.85 4.65
C PRO A 487 8.66 21.08 5.18
N PHE A 488 7.62 21.54 4.50
CA PHE A 488 6.86 22.71 4.92
C PHE A 488 5.52 22.27 5.46
N VAL A 489 5.14 22.81 6.61
CA VAL A 489 3.89 22.45 7.28
C VAL A 489 3.10 23.73 7.49
N CYS A 490 1.83 23.71 7.07
CA CYS A 490 0.97 24.87 7.21
C CYS A 490 0.65 25.10 8.67
N GLN A 491 1.09 26.23 9.22
CA GLN A 491 0.74 26.55 10.60
C GLN A 491 -0.74 26.85 10.72
N ASN A 492 -1.28 27.65 9.80
CA ASN A 492 -2.68 28.05 9.86
C ASN A 492 -3.53 27.32 8.83
N ASN A 493 -3.15 27.38 7.56
CA ASN A 493 -3.95 26.74 6.51
C ASN A 493 -3.08 26.53 5.28
N CYS A 494 -3.47 25.56 4.47
CA CYS A 494 -2.91 25.32 3.15
C CYS A 494 -3.89 25.72 2.06
N PRO A 495 -3.43 25.90 0.83
CA PRO A 495 -4.34 26.29 -0.23
C PRO A 495 -5.47 25.27 -0.39
N GLY A 496 -6.66 25.78 -0.67
CA GLY A 496 -7.80 24.90 -0.85
C GLY A 496 -7.58 23.93 -1.98
N GLN A 497 -8.00 22.70 -1.77
CA GLN A 497 -7.94 21.70 -2.83
C GLN A 497 -8.91 22.06 -3.95
N LEU A 498 -8.54 21.72 -5.17
CA LEU A 498 -9.31 22.06 -6.37
C LEU A 498 -9.91 20.80 -6.94
N PHE A 499 -11.24 20.79 -7.09
CA PHE A 499 -11.97 19.64 -7.59
C PHE A 499 -12.63 20.00 -8.91
N VAL A 500 -12.57 19.08 -9.87
CA VAL A 500 -13.13 19.28 -11.20
C VAL A 500 -14.06 18.12 -11.50
N LYS A 501 -15.17 18.40 -12.17
CA LYS A 501 -16.12 17.36 -12.50
C LYS A 501 -16.89 17.76 -13.76
N VAL A 502 -16.95 16.86 -14.74
CA VAL A 502 -17.77 17.13 -15.92
C VAL A 502 -19.24 17.08 -15.52
N ALA A 503 -19.93 18.19 -15.71
CA ALA A 503 -21.31 18.28 -15.27
C ALA A 503 -22.17 17.27 -16.04
N PRO A 504 -23.24 16.77 -15.43
CA PRO A 504 -24.07 15.76 -16.12
C PRO A 504 -24.59 16.31 -17.43
N ASN A 505 -24.59 15.44 -18.45
CA ASN A 505 -25.11 15.79 -19.78
C ASN A 505 -26.25 14.81 -20.07
N LEU A 506 -27.44 15.19 -19.64
CA LEU A 506 -28.57 14.27 -19.62
C LEU A 506 -29.11 14.02 -21.02
N THR A 507 -29.48 12.77 -21.28
CA THR A 507 -30.24 12.43 -22.47
C THR A 507 -31.72 12.65 -22.22
N ASN A 508 -32.50 12.60 -23.30
CA ASN A 508 -33.92 12.91 -23.19
C ASN A 508 -34.72 11.80 -22.52
N GLN A 509 -34.11 10.67 -22.22
CA GLN A 509 -34.81 9.55 -21.59
C GLN A 509 -34.66 9.53 -20.07
N TYR A 510 -34.10 10.57 -19.47
CA TYR A 510 -33.83 10.55 -18.04
C TYR A 510 -35.11 10.39 -17.25
N ASP A 511 -35.01 9.66 -16.13
CA ASP A 511 -36.15 9.45 -15.25
C ASP A 511 -35.60 9.25 -13.83
N PRO A 512 -35.80 10.22 -12.93
CA PRO A 512 -35.24 10.07 -11.58
C PRO A 512 -35.86 8.94 -10.77
N ASP A 513 -37.04 8.46 -11.15
CA ASP A 513 -37.68 7.37 -10.42
C ASP A 513 -37.13 6.00 -10.81
N ALA A 514 -36.30 5.93 -11.85
CA ALA A 514 -35.71 4.65 -12.23
C ALA A 514 -34.52 4.32 -11.33
N SER A 515 -34.50 3.09 -10.83
CA SER A 515 -33.41 2.66 -9.98
C SER A 515 -32.10 2.52 -10.74
N ALA A 516 -32.16 2.42 -12.06
CA ALA A 516 -30.95 2.28 -12.86
C ALA A 516 -30.15 3.57 -12.85
N ASN A 517 -28.90 3.47 -13.30
CA ASN A 517 -28.03 4.63 -13.34
C ASN A 517 -28.53 5.64 -14.36
N MET A 518 -28.20 6.91 -14.10
CA MET A 518 -28.58 7.98 -15.02
C MET A 518 -27.90 7.76 -16.36
N SER A 519 -28.65 7.98 -17.44
CA SER A 519 -28.07 7.90 -18.76
C SER A 519 -27.44 9.25 -19.13
N ARG A 520 -26.21 9.21 -19.62
CA ARG A 520 -25.46 10.41 -19.94
C ARG A 520 -24.84 10.29 -21.32
N ILE A 521 -24.67 11.45 -21.97
CA ILE A 521 -23.95 11.49 -23.23
C ILE A 521 -22.46 11.45 -22.92
N VAL A 522 -21.75 10.54 -23.58
CA VAL A 522 -20.31 10.40 -23.35
C VAL A 522 -19.66 11.74 -23.59
N THR A 523 -18.92 12.22 -22.60
CA THR A 523 -18.36 13.56 -22.63
C THR A 523 -16.99 13.55 -21.95
N TYR A 524 -16.12 14.45 -22.39
CA TYR A 524 -14.83 14.66 -21.75
C TYR A 524 -14.43 16.13 -21.90
N SER A 525 -13.45 16.53 -21.11
CA SER A 525 -13.02 17.92 -21.07
C SER A 525 -11.52 18.01 -21.10
N ASP A 526 -11.01 19.04 -21.78
CA ASP A 526 -9.60 19.40 -21.75
C ASP A 526 -9.50 20.87 -21.35
N PHE A 527 -8.77 21.14 -20.27
CA PHE A 527 -8.63 22.51 -19.80
C PHE A 527 -7.19 22.75 -19.35
N TRP A 528 -6.72 23.97 -19.54
CA TRP A 528 -5.34 24.31 -19.20
C TRP A 528 -5.29 24.82 -17.75
N TRP A 529 -4.36 24.27 -16.98
CA TRP A 529 -4.16 24.63 -15.59
C TRP A 529 -2.84 25.39 -15.48
N LYS A 530 -2.89 26.60 -14.92
CA LYS A 530 -1.70 27.41 -14.74
C LYS A 530 -1.56 27.78 -13.27
N GLY A 531 -0.41 27.45 -12.70
CA GLY A 531 -0.12 27.77 -11.33
C GLY A 531 1.18 28.55 -11.21
N LYS A 532 1.25 29.35 -10.16
CA LYS A 532 2.42 30.14 -9.83
C LYS A 532 2.77 29.88 -8.37
N LEU A 533 3.95 29.30 -8.14
CA LEU A 533 4.43 29.02 -6.80
C LEU A 533 5.66 29.87 -6.55
N VAL A 534 5.63 30.67 -5.50
CA VAL A 534 6.66 31.65 -5.21
C VAL A 534 7.41 31.23 -3.97
N PHE A 535 8.72 31.07 -4.11
CA PHE A 535 9.65 30.79 -3.03
C PHE A 535 10.55 31.98 -2.80
N LYS A 536 11.17 32.00 -1.63
CA LYS A 536 12.24 32.93 -1.31
C LYS A 536 13.41 32.13 -0.75
N ALA A 537 14.59 32.31 -1.33
CA ALA A 537 15.75 31.54 -0.92
C ALA A 537 16.91 32.48 -0.59
N LYS A 538 17.91 31.94 0.12
CA LYS A 538 19.12 32.68 0.45
C LYS A 538 20.28 32.06 -0.31
N LEU A 539 21.14 32.91 -0.88
CA LEU A 539 22.30 32.40 -1.59
C LEU A 539 23.39 31.99 -0.62
N ARG A 540 24.02 30.86 -0.89
CA ARG A 540 25.04 30.35 0.02
C ARG A 540 26.33 31.16 -0.12
N ALA A 541 27.12 31.15 0.95
CA ALA A 541 28.43 31.80 0.98
C ALA A 541 29.47 30.79 1.44
N SER A 542 30.63 30.82 0.77
CA SER A 542 31.72 29.92 1.11
C SER A 542 32.28 30.28 2.48
N HIS A 543 32.47 29.25 3.33
CA HIS A 543 32.99 29.45 4.67
C HIS A 543 34.08 28.46 5.01
N THR A 544 34.72 27.87 4.01
CA THR A 544 35.78 26.91 4.23
C THR A 544 36.77 26.96 3.06
N TRP A 545 37.97 26.44 3.31
CA TRP A 545 38.98 26.37 2.27
C TRP A 545 38.57 25.41 1.17
N ASN A 546 38.10 24.22 1.54
CA ASN A 546 37.80 23.20 0.55
C ASN A 546 36.46 23.48 -0.12
N PRO A 547 36.28 22.99 -1.35
CA PRO A 547 34.96 23.09 -1.98
C PRO A 547 33.99 22.08 -1.38
N ILE A 548 32.72 22.27 -1.72
CA ILE A 548 31.65 21.44 -1.23
C ILE A 548 31.12 20.59 -2.38
N GLN A 549 30.32 19.58 -2.05
CA GLN A 549 29.72 18.74 -3.08
C GLN A 549 28.68 19.54 -3.87
N GLN A 550 28.62 19.27 -5.17
CA GLN A 550 27.69 19.95 -6.05
C GLN A 550 27.10 18.95 -7.04
N MET A 551 25.86 19.20 -7.44
CA MET A 551 25.23 18.38 -8.47
C MET A 551 25.75 18.81 -9.83
N SER A 552 26.14 17.84 -10.66
CA SER A 552 26.70 18.14 -11.96
C SER A 552 26.37 17.03 -12.94
N ILE A 553 26.30 17.40 -14.22
CA ILE A 553 26.14 16.41 -15.27
C ILE A 553 27.47 15.69 -15.49
N ASN A 554 27.39 14.42 -15.85
CA ASN A 554 28.59 13.61 -16.02
C ASN A 554 28.28 12.48 -17.00
N VAL A 555 29.35 11.82 -17.45
CA VAL A 555 29.22 10.83 -18.51
C VAL A 555 28.30 9.68 -18.10
N ASP A 556 28.14 9.44 -16.81
CA ASP A 556 27.26 8.36 -16.37
C ASP A 556 25.80 8.76 -16.44
N ASN A 557 25.46 9.93 -15.90
CA ASN A 557 24.09 10.40 -15.88
C ASN A 557 23.72 11.27 -17.08
N GLN A 558 24.61 11.36 -18.07
CA GLN A 558 24.41 12.24 -19.21
C GLN A 558 23.01 12.11 -19.81
N PHE A 559 22.67 10.91 -20.26
CA PHE A 559 21.46 10.72 -21.04
C PHE A 559 20.20 10.58 -20.18
N ASN A 560 20.26 10.98 -18.93
CA ASN A 560 19.07 11.02 -18.09
C ASN A 560 18.36 12.36 -18.12
N TYR A 561 18.91 13.34 -18.85
CA TYR A 561 18.32 14.67 -18.92
C TYR A 561 18.01 15.10 -20.35
N VAL A 562 18.04 14.18 -21.30
CA VAL A 562 17.74 14.51 -22.69
C VAL A 562 16.83 13.45 -23.27
N PRO A 563 15.94 13.78 -24.20
CA PRO A 563 15.03 12.79 -24.76
C PRO A 563 15.75 11.75 -25.59
N SER A 564 15.16 10.56 -25.66
CA SER A 564 15.65 9.54 -26.57
C SER A 564 15.15 9.82 -27.98
N ASN A 565 15.50 8.92 -28.91
CA ASN A 565 15.11 9.12 -30.29
C ASN A 565 13.61 8.92 -30.49
N ILE A 566 12.96 8.14 -29.62
CA ILE A 566 11.53 7.88 -29.75
C ILE A 566 10.77 8.75 -28.75
N GLY A 567 11.38 9.86 -28.34
CA GLY A 567 10.71 10.81 -27.47
C GLY A 567 10.72 10.48 -26.00
N GLY A 568 11.39 9.40 -25.60
CA GLY A 568 11.38 8.98 -24.21
C GLY A 568 12.02 9.98 -23.26
N MET A 569 11.29 10.33 -22.21
CA MET A 569 11.80 11.22 -21.18
C MET A 569 11.84 10.50 -19.84
N LYS A 570 12.69 10.99 -18.95
CA LYS A 570 12.71 10.53 -17.57
C LYS A 570 13.22 11.66 -16.68
N ILE A 571 12.87 11.57 -15.40
CA ILE A 571 13.31 12.53 -14.40
C ILE A 571 13.81 11.73 -13.21
N VAL A 572 15.13 11.58 -13.09
CA VAL A 572 15.70 10.79 -12.02
C VAL A 572 15.73 11.59 -10.73
N TYR A 573 15.89 10.89 -9.61
CA TYR A 573 15.90 11.55 -8.32
C TYR A 573 17.20 12.29 -8.10
N GLU A 574 17.12 13.44 -7.43
CA GLU A 574 18.27 14.28 -7.20
C GLU A 574 18.33 14.67 -5.73
N LYS A 575 19.53 14.79 -5.19
CA LYS A 575 19.73 15.05 -3.78
C LYS A 575 19.74 16.55 -3.51
N SER A 576 19.20 16.95 -2.36
CA SER A 576 18.83 18.33 -2.12
C SER A 576 19.62 19.00 -0.99
N GLN A 577 20.57 18.31 -0.38
CA GLN A 577 21.32 18.88 0.74
C GLN A 577 22.80 18.59 0.60
N LEU A 578 23.37 18.94 -0.54
CA LEU A 578 24.74 18.54 -0.84
C LEU A 578 25.76 19.35 -0.04
N ALA A 579 25.38 20.53 0.44
CA ALA A 579 26.34 21.39 1.13
C ALA A 579 26.30 21.12 2.63
N PRO A 580 27.46 21.00 3.28
CA PRO A 580 27.46 20.74 4.72
C PRO A 580 27.41 22.02 5.54
N ARG A 581 26.91 21.88 6.76
CA ARG A 581 26.89 22.98 7.71
C ARG A 581 27.27 22.46 9.09
N LYS A 582 27.83 23.34 9.91
CA LYS A 582 28.24 22.95 11.25
C LYS A 582 27.06 23.02 12.21
N LEU A 583 26.98 22.04 13.09
CA LEU A 583 25.91 21.96 14.06
C LEU A 583 26.27 22.63 15.37
N TYR A 584 27.50 22.47 15.82
CA TYR A 584 27.95 23.04 17.08
C TYR A 584 29.34 23.65 16.93
N VAL B 1 -10.26 -37.28 8.91
CA VAL B 1 -11.59 -37.50 8.29
C VAL B 1 -12.68 -37.22 9.33
N LEU B 2 -13.63 -36.36 8.97
CA LEU B 2 -14.77 -36.10 9.83
C LEU B 2 -15.76 -37.25 9.76
N THR B 3 -16.50 -37.45 10.85
CA THR B 3 -17.48 -38.51 10.91
C THR B 3 -18.79 -38.06 10.29
N GLN B 4 -19.38 -38.94 9.49
CA GLN B 4 -20.67 -38.70 8.87
C GLN B 4 -21.47 -39.99 8.85
N LYS B 5 -22.79 -39.86 8.71
CA LYS B 5 -23.64 -41.03 8.53
C LYS B 5 -23.71 -41.39 7.06
N ALA B 6 -23.71 -42.70 6.78
CA ALA B 6 -23.61 -43.15 5.40
C ALA B 6 -24.78 -42.66 4.54
N SER B 7 -26.00 -42.71 5.07
CA SER B 7 -27.17 -42.32 4.30
C SER B 7 -28.32 -42.03 5.24
N VAL B 8 -29.33 -41.36 4.69
CA VAL B 8 -30.61 -41.15 5.37
C VAL B 8 -31.72 -41.22 4.33
N SER B 9 -32.94 -41.45 4.81
CA SER B 9 -34.11 -41.56 3.95
C SER B 9 -35.31 -40.92 4.63
N GLY B 10 -36.17 -40.31 3.82
CA GLY B 10 -37.35 -39.66 4.36
C GLY B 10 -38.38 -39.43 3.27
N SER B 11 -39.59 -39.07 3.70
CA SER B 11 -40.68 -38.81 2.79
C SER B 11 -40.65 -37.36 2.31
N LEU B 12 -41.29 -37.13 1.16
CA LEU B 12 -41.36 -35.79 0.60
C LEU B 12 -42.05 -34.85 1.58
N GLY B 13 -41.51 -33.64 1.69
CA GLY B 13 -42.06 -32.62 2.58
C GLY B 13 -41.64 -32.74 4.02
N GLN B 14 -40.87 -33.77 4.38
CA GLN B 14 -40.42 -33.92 5.76
C GLN B 14 -39.22 -33.02 6.03
N THR B 15 -39.22 -32.41 7.20
CA THR B 15 -38.05 -31.67 7.66
C THR B 15 -37.08 -32.63 8.34
N ILE B 16 -35.85 -32.70 7.84
CA ILE B 16 -34.90 -33.72 8.27
C ILE B 16 -33.59 -33.06 8.67
N THR B 17 -32.77 -33.82 9.38
CA THR B 17 -31.48 -33.35 9.89
C THR B 17 -30.40 -34.36 9.60
N ILE B 18 -29.21 -33.87 9.28
CA ILE B 18 -28.02 -34.70 9.06
C ILE B 18 -26.90 -34.10 9.89
N SER B 19 -25.90 -34.92 10.22
CA SER B 19 -24.87 -34.52 11.16
C SER B 19 -23.49 -34.87 10.62
N CYS B 20 -22.52 -34.03 10.95
CA CYS B 20 -21.11 -34.26 10.69
C CYS B 20 -20.38 -34.04 12.02
N THR B 21 -19.35 -34.83 12.28
CA THR B 21 -18.71 -34.80 13.58
C THR B 21 -17.20 -34.91 13.43
N GLY B 22 -16.51 -34.31 14.40
CA GLY B 22 -15.07 -34.35 14.43
C GLY B 22 -14.57 -33.77 15.73
N THR B 23 -13.24 -33.82 15.90
CA THR B 23 -12.64 -33.31 17.13
C THR B 23 -12.88 -31.81 17.24
N SER B 24 -13.30 -31.36 18.42
CA SER B 24 -13.61 -29.95 18.61
C SER B 24 -12.39 -29.08 18.33
N SER B 25 -11.19 -29.62 18.51
CA SER B 25 -9.98 -28.84 18.25
C SER B 25 -9.86 -28.45 16.78
N ASN B 26 -10.59 -29.11 15.88
CA ASN B 26 -10.54 -28.79 14.46
C ASN B 26 -11.90 -28.33 13.96
N ILE B 27 -12.97 -29.09 14.20
CA ILE B 27 -14.30 -28.66 13.78
C ILE B 27 -14.83 -27.51 14.62
N GLY B 28 -14.21 -27.25 15.78
CA GLY B 28 -14.73 -26.23 16.67
C GLY B 28 -14.33 -24.83 16.28
N HIS B 29 -13.03 -24.55 16.26
CA HIS B 29 -12.55 -23.21 16.00
C HIS B 29 -12.73 -22.81 14.53
N ASN B 30 -12.70 -23.78 13.62
CA ASN B 30 -12.80 -23.50 12.20
C ASN B 30 -14.25 -23.57 11.74
N ASN B 31 -14.51 -22.95 10.58
CA ASN B 31 -15.84 -22.93 10.01
C ASN B 31 -16.14 -24.26 9.31
N VAL B 32 -17.42 -24.49 9.06
CA VAL B 32 -17.90 -25.74 8.47
C VAL B 32 -18.76 -25.40 7.26
N GLY B 33 -18.53 -26.12 6.16
CA GLY B 33 -19.28 -25.92 4.94
C GLY B 33 -19.96 -27.20 4.50
N TRP B 34 -21.17 -27.06 3.98
CA TRP B 34 -21.96 -28.19 3.50
C TRP B 34 -22.20 -28.03 2.01
N TYR B 35 -21.95 -29.12 1.28
CA TYR B 35 -22.07 -29.13 -0.18
C TYR B 35 -22.98 -30.27 -0.62
N GLN B 36 -23.74 -30.03 -1.68
CA GLN B 36 -24.59 -31.03 -2.29
C GLN B 36 -23.87 -31.64 -3.49
N GLN B 37 -24.14 -32.91 -3.75
CA GLN B 37 -23.50 -33.66 -4.84
C GLN B 37 -24.58 -34.52 -5.50
N LEU B 38 -25.10 -34.03 -6.63
CA LEU B 38 -26.01 -34.80 -7.44
C LEU B 38 -25.23 -35.66 -8.42
N PRO B 39 -25.87 -36.69 -8.98
CA PRO B 39 -25.19 -37.48 -10.02
C PRO B 39 -24.82 -36.61 -11.20
N GLY B 40 -23.67 -36.90 -11.80
CA GLY B 40 -23.22 -36.17 -12.96
C GLY B 40 -22.98 -34.69 -12.73
N ARG B 41 -22.49 -34.32 -11.55
CA ARG B 41 -22.20 -32.94 -11.23
C ARG B 41 -21.09 -32.87 -10.18
N GLY B 42 -20.41 -31.74 -10.14
CA GLY B 42 -19.46 -31.47 -9.09
C GLY B 42 -20.15 -30.94 -7.85
N PRO B 43 -19.44 -30.96 -6.73
CA PRO B 43 -20.04 -30.50 -5.47
C PRO B 43 -20.52 -29.07 -5.61
N ARG B 44 -21.70 -28.82 -5.04
CA ARG B 44 -22.32 -27.49 -5.04
C ARG B 44 -22.46 -27.03 -3.60
N THR B 45 -21.90 -25.85 -3.31
CA THR B 45 -21.98 -25.31 -1.95
C THR B 45 -23.41 -24.94 -1.62
N VAL B 46 -23.95 -25.56 -0.58
CA VAL B 46 -25.31 -25.31 -0.12
C VAL B 46 -25.33 -24.45 1.13
N VAL B 47 -24.39 -24.66 2.05
CA VAL B 47 -24.30 -23.86 3.27
C VAL B 47 -22.85 -23.47 3.47
N SER B 48 -22.62 -22.16 3.70
CA SER B 48 -21.28 -21.61 3.82
C SER B 48 -21.08 -20.92 5.16
N GLY B 49 -21.68 -21.44 6.22
CA GLY B 49 -21.47 -20.92 7.56
C GLY B 49 -22.40 -19.76 7.89
N THR B 50 -22.53 -19.50 9.19
CA THR B 50 -23.37 -18.41 9.69
C THR B 50 -24.80 -18.54 9.19
N ASN B 51 -25.20 -19.76 8.85
CA ASN B 51 -26.54 -20.02 8.31
C ASN B 51 -26.82 -19.13 7.11
N SER B 52 -25.80 -18.90 6.29
CA SER B 52 -25.92 -18.09 5.09
C SER B 52 -25.73 -18.97 3.86
N ARG B 53 -26.59 -18.79 2.86
CA ARG B 53 -26.58 -19.65 1.69
C ARG B 53 -25.97 -18.93 0.50
N PRO B 54 -25.28 -19.64 -0.40
CA PRO B 54 -24.84 -19.00 -1.64
C PRO B 54 -26.02 -18.64 -2.52
N SER B 55 -25.78 -17.69 -3.42
CA SER B 55 -26.83 -17.26 -4.34
C SER B 55 -27.30 -18.43 -5.19
N GLY B 56 -28.61 -18.47 -5.44
CA GLY B 56 -29.19 -19.54 -6.24
C GLY B 56 -29.44 -20.83 -5.50
N VAL B 57 -29.30 -20.83 -4.18
CA VAL B 57 -29.50 -22.02 -3.36
C VAL B 57 -30.83 -21.90 -2.64
N SER B 58 -31.61 -22.98 -2.64
CA SER B 58 -32.91 -22.97 -2.00
C SER B 58 -32.77 -22.62 -0.52
N ASP B 59 -33.71 -21.83 -0.01
CA ASP B 59 -33.70 -21.40 1.38
C ASP B 59 -33.98 -22.53 2.35
N ARG B 60 -34.42 -23.70 1.89
CA ARG B 60 -34.74 -24.79 2.80
C ARG B 60 -33.51 -25.20 3.63
N PHE B 61 -32.32 -25.07 3.06
CA PHE B 61 -31.11 -25.48 3.75
C PHE B 61 -30.84 -24.58 4.95
N SER B 62 -30.40 -25.17 6.05
CA SER B 62 -29.94 -24.41 7.21
C SER B 62 -28.86 -25.21 7.90
N ALA B 63 -28.02 -24.53 8.68
CA ALA B 63 -26.91 -25.21 9.34
C ALA B 63 -26.63 -24.57 10.68
N SER B 64 -26.04 -25.37 11.57
CA SER B 64 -25.62 -24.90 12.89
C SER B 64 -24.42 -25.71 13.31
N LYS B 65 -23.66 -25.16 14.27
CA LYS B 65 -22.44 -25.80 14.74
C LYS B 65 -22.38 -25.72 16.25
N SER B 66 -21.93 -26.80 16.89
CA SER B 66 -21.79 -26.83 18.35
C SER B 66 -20.69 -27.83 18.68
N GLY B 67 -19.56 -27.32 19.16
CA GLY B 67 -18.47 -28.18 19.58
C GLY B 67 -18.06 -29.19 18.52
N ASN B 68 -18.14 -30.48 18.88
CA ASN B 68 -17.70 -31.54 17.98
C ASN B 68 -18.61 -31.71 16.77
N THR B 69 -19.85 -31.21 16.83
CA THR B 69 -20.88 -31.58 15.86
C THR B 69 -21.30 -30.37 15.03
N ALA B 70 -21.71 -30.64 13.80
CA ALA B 70 -22.35 -29.67 12.92
C ALA B 70 -23.58 -30.30 12.30
N THR B 71 -24.69 -29.58 12.31
CA THR B 71 -25.97 -30.11 11.88
C THR B 71 -26.47 -29.33 10.68
N LEU B 72 -26.98 -30.06 9.69
CA LEU B 72 -27.58 -29.48 8.50
C LEU B 72 -29.03 -29.92 8.41
N THR B 73 -29.93 -28.96 8.36
CA THR B 73 -31.37 -29.22 8.37
C THR B 73 -31.98 -28.84 7.04
N ILE B 74 -32.85 -29.70 6.53
CA ILE B 74 -33.61 -29.46 5.31
C ILE B 74 -35.07 -29.29 5.71
N SER B 75 -35.65 -28.15 5.31
CA SER B 75 -37.04 -27.83 5.65
C SER B 75 -37.94 -28.30 4.51
N GLY B 76 -38.26 -29.58 4.53
CA GLY B 76 -39.11 -30.17 3.53
C GLY B 76 -38.33 -30.80 2.40
N LEU B 77 -38.35 -32.12 2.33
CA LEU B 77 -37.61 -32.82 1.29
C LEU B 77 -38.29 -32.66 -0.06
N ARG B 78 -37.49 -32.75 -1.12
CA ARG B 78 -38.01 -32.76 -2.48
C ARG B 78 -37.26 -33.83 -3.27
N ALA B 79 -37.90 -34.29 -4.35
CA ALA B 79 -37.35 -35.40 -5.13
C ALA B 79 -35.93 -35.11 -5.58
N ASP B 80 -35.58 -33.85 -5.79
CA ASP B 80 -34.25 -33.47 -6.24
C ASP B 80 -33.23 -33.47 -5.11
N ASP B 81 -33.64 -33.79 -3.87
CA ASP B 81 -32.73 -33.82 -2.75
C ASP B 81 -32.01 -35.16 -2.60
N GLU B 82 -32.37 -36.16 -3.40
CA GLU B 82 -31.70 -37.46 -3.36
C GLU B 82 -30.29 -37.28 -3.88
N ALA B 83 -29.31 -37.20 -2.99
CA ALA B 83 -27.96 -36.85 -3.40
C ALA B 83 -27.02 -36.98 -2.21
N ASP B 84 -25.72 -36.90 -2.49
CA ASP B 84 -24.74 -36.98 -1.41
C ASP B 84 -24.53 -35.60 -0.79
N TYR B 85 -24.40 -35.57 0.52
CA TYR B 85 -24.13 -34.34 1.26
C TYR B 85 -22.77 -34.47 1.95
N TYR B 86 -21.94 -33.42 1.79
CA TYR B 86 -20.55 -33.47 2.19
C TYR B 86 -20.21 -32.29 3.10
N CYS B 87 -19.65 -32.59 4.26
CA CYS B 87 -19.16 -31.58 5.18
C CYS B 87 -17.65 -31.40 5.01
N SER B 88 -17.21 -30.16 5.14
CA SER B 88 -15.79 -29.84 5.03
C SER B 88 -15.44 -28.73 6.02
N THR B 89 -14.16 -28.67 6.38
CA THR B 89 -13.67 -27.61 7.24
C THR B 89 -12.15 -27.59 7.20
N TRP B 90 -11.57 -26.67 7.97
CA TRP B 90 -10.13 -26.58 8.13
C TRP B 90 -9.71 -27.21 9.45
N ASP B 91 -8.47 -27.70 9.47
CA ASP B 91 -7.94 -28.43 10.60
C ASP B 91 -6.66 -27.75 11.05
N ASP B 92 -6.58 -27.44 12.35
CA ASP B 92 -5.47 -26.72 12.96
C ASP B 92 -4.11 -27.33 12.65
N SER B 93 -4.07 -28.57 12.16
CA SER B 93 -2.82 -29.10 11.60
C SER B 93 -2.53 -28.51 10.22
N LEU B 94 -3.26 -27.47 9.81
CA LEU B 94 -3.11 -26.85 8.50
C LEU B 94 -3.55 -27.82 7.39
N ASN B 95 -4.77 -28.35 7.53
CA ASN B 95 -5.33 -29.23 6.51
C ASN B 95 -6.74 -28.82 6.16
N VAL B 96 -7.23 -29.35 5.04
CA VAL B 96 -8.65 -29.29 4.71
C VAL B 96 -9.21 -30.69 4.86
N VAL B 97 -10.19 -30.84 5.76
CA VAL B 97 -10.70 -32.14 6.14
C VAL B 97 -12.17 -32.23 5.76
N PHE B 98 -12.52 -33.32 5.09
CA PHE B 98 -13.88 -33.61 4.65
C PHE B 98 -14.45 -34.76 5.47
N GLY B 99 -15.77 -34.87 5.45
CA GLY B 99 -16.42 -36.03 6.02
C GLY B 99 -16.59 -37.14 5.01
N GLY B 100 -17.14 -38.25 5.47
CA GLY B 100 -17.39 -39.38 4.59
C GLY B 100 -18.59 -39.23 3.69
N GLY B 101 -19.40 -38.19 3.88
CA GLY B 101 -20.59 -37.99 3.09
C GLY B 101 -21.81 -38.64 3.72
N THR B 102 -22.97 -38.34 3.11
CA THR B 102 -24.22 -38.97 3.54
C THR B 102 -25.18 -38.93 2.36
N HIS B 103 -25.66 -40.11 1.93
CA HIS B 103 -26.50 -40.20 0.75
C HIS B 103 -27.95 -40.00 1.14
N LEU B 104 -28.41 -38.75 1.10
CA LEU B 104 -29.80 -38.44 1.36
C LEU B 104 -30.68 -39.08 0.30
N THR B 105 -31.77 -39.71 0.75
CA THR B 105 -32.66 -40.47 -0.10
C THR B 105 -34.10 -40.11 0.22
N VAL B 106 -34.99 -40.37 -0.74
CA VAL B 106 -36.41 -40.07 -0.62
C VAL B 106 -37.19 -41.37 -0.74
N LEU B 107 -38.08 -41.62 0.21
CA LEU B 107 -38.93 -42.81 0.20
C LEU B 107 -39.92 -42.74 -0.96
N GLU C 1 -21.48 -14.32 -14.53
CA GLU C 1 -21.43 -15.29 -13.40
C GLU C 1 -20.06 -15.94 -13.31
N VAL C 2 -19.69 -16.37 -12.10
CA VAL C 2 -18.40 -17.02 -11.89
C VAL C 2 -18.32 -18.28 -12.74
N GLN C 3 -17.18 -18.48 -13.39
CA GLN C 3 -16.98 -19.62 -14.26
C GLN C 3 -15.60 -20.21 -14.01
N LEU C 4 -15.57 -21.50 -13.66
CA LEU C 4 -14.33 -22.25 -13.50
C LEU C 4 -14.41 -23.51 -14.35
N VAL C 5 -13.42 -23.71 -15.21
CA VAL C 5 -13.42 -24.81 -16.17
C VAL C 5 -12.09 -25.55 -16.05
N GLU C 6 -12.16 -26.86 -15.80
CA GLU C 6 -10.96 -27.67 -15.69
C GLU C 6 -10.65 -28.34 -17.03
N SER C 7 -9.39 -28.72 -17.19
CA SER C 7 -8.93 -29.37 -18.40
C SER C 7 -7.64 -30.13 -18.11
N GLY C 8 -7.30 -31.05 -19.00
CA GLY C 8 -6.09 -31.84 -18.90
C GLY C 8 -6.31 -33.29 -18.50
N GLY C 9 -7.50 -33.63 -18.02
CA GLY C 9 -7.77 -35.02 -17.65
C GLY C 9 -7.67 -35.93 -18.87
N ASP C 10 -6.93 -37.02 -18.72
CA ASP C 10 -6.74 -37.95 -19.82
C ASP C 10 -6.10 -39.22 -19.29
N LEU C 11 -6.11 -40.27 -20.12
CA LEU C 11 -5.44 -41.51 -19.77
C LEU C 11 -3.93 -41.29 -19.77
N VAL C 12 -3.25 -41.84 -18.76
CA VAL C 12 -1.80 -41.73 -18.64
C VAL C 12 -1.28 -43.03 -18.05
N LYS C 13 0.03 -43.25 -18.19
CA LYS C 13 0.61 -44.47 -17.63
C LYS C 13 1.08 -44.23 -16.20
N PRO C 14 1.06 -45.27 -15.35
CA PRO C 14 1.55 -45.09 -13.98
C PRO C 14 3.01 -44.66 -13.98
N GLY C 15 3.36 -43.80 -13.01
CA GLY C 15 4.72 -43.32 -12.86
C GLY C 15 5.06 -42.14 -13.74
N GLY C 16 4.13 -41.65 -14.55
CA GLY C 16 4.39 -40.53 -15.44
C GLY C 16 4.10 -39.20 -14.77
N SER C 17 3.93 -38.19 -15.63
CA SER C 17 3.65 -36.83 -15.17
C SER C 17 2.55 -36.22 -16.04
N LEU C 18 1.90 -35.20 -15.50
CA LEU C 18 0.77 -34.58 -16.18
C LEU C 18 0.63 -33.14 -15.70
N ARG C 19 -0.17 -32.37 -16.43
CA ARG C 19 -0.46 -30.99 -16.06
C ARG C 19 -1.95 -30.73 -16.24
N LEU C 20 -2.64 -30.51 -15.13
CA LEU C 20 -4.05 -30.14 -15.16
C LEU C 20 -4.18 -28.63 -15.01
N SER C 21 -5.17 -28.06 -15.68
CA SER C 21 -5.38 -26.63 -15.69
C SER C 21 -6.81 -26.31 -15.25
N CYS C 22 -6.98 -25.15 -14.65
CA CYS C 22 -8.30 -24.66 -14.24
C CYS C 22 -8.38 -23.19 -14.63
N GLU C 23 -9.04 -22.93 -15.76
CA GLU C 23 -9.24 -21.56 -16.21
C GLU C 23 -10.41 -20.93 -15.46
N ALA C 24 -10.30 -19.63 -15.23
CA ALA C 24 -11.28 -18.89 -14.45
C ALA C 24 -11.71 -17.64 -15.20
N SER C 25 -12.98 -17.27 -15.04
CA SER C 25 -13.49 -16.07 -15.67
C SER C 25 -14.72 -15.61 -14.90
N GLY C 26 -15.07 -14.34 -15.10
CA GLY C 26 -16.24 -13.76 -14.48
C GLY C 26 -16.05 -13.24 -13.08
N PHE C 27 -14.84 -13.36 -12.52
CA PHE C 27 -14.59 -12.87 -11.17
C PHE C 27 -13.09 -12.64 -11.01
N THR C 28 -12.74 -11.91 -9.94
CA THR C 28 -11.35 -11.59 -9.65
C THR C 28 -10.67 -12.86 -9.12
N PHE C 29 -10.06 -13.59 -10.05
CA PHE C 29 -9.43 -14.87 -9.69
C PHE C 29 -8.29 -14.67 -8.71
N SER C 30 -7.60 -13.54 -8.77
CA SER C 30 -6.45 -13.29 -7.91
C SER C 30 -6.83 -12.93 -6.48
N ASN C 31 -8.09 -12.60 -6.23
CA ASN C 31 -8.51 -12.25 -4.87
C ASN C 31 -8.95 -13.47 -4.05
N TYR C 32 -8.93 -14.66 -4.63
CA TYR C 32 -9.43 -15.85 -3.96
C TYR C 32 -8.33 -16.91 -3.84
N HIS C 33 -8.21 -17.49 -2.65
CA HIS C 33 -7.44 -18.70 -2.49
C HIS C 33 -8.10 -19.83 -3.27
N MET C 34 -7.28 -20.74 -3.81
CA MET C 34 -7.80 -21.81 -4.63
C MET C 34 -7.38 -23.16 -4.07
N ALA C 35 -8.13 -24.20 -4.44
CA ALA C 35 -7.88 -25.54 -3.93
C ALA C 35 -8.20 -26.59 -4.98
N TRP C 36 -7.33 -27.61 -5.02
CA TRP C 36 -7.52 -28.84 -5.79
C TRP C 36 -8.02 -29.94 -4.88
N VAL C 37 -9.18 -30.51 -5.22
CA VAL C 37 -9.80 -31.58 -4.44
C VAL C 37 -10.17 -32.71 -5.39
N ARG C 38 -9.83 -33.94 -5.01
CA ARG C 38 -10.04 -35.10 -5.86
C ARG C 38 -11.05 -36.05 -5.25
N GLN C 39 -11.68 -36.84 -6.12
CA GLN C 39 -12.61 -37.88 -5.72
C GLN C 39 -12.34 -39.11 -6.56
N ALA C 40 -11.98 -40.22 -5.91
CA ALA C 40 -11.80 -41.48 -6.60
C ALA C 40 -13.15 -42.08 -6.96
N PRO C 41 -13.18 -43.02 -7.92
CA PRO C 41 -14.46 -43.60 -8.34
C PRO C 41 -15.30 -44.09 -7.16
N GLY C 42 -16.46 -43.46 -6.95
CA GLY C 42 -17.36 -43.86 -5.89
C GLY C 42 -16.86 -43.56 -4.49
N LYS C 43 -15.75 -42.84 -4.35
CA LYS C 43 -15.20 -42.54 -3.04
C LYS C 43 -15.55 -41.11 -2.63
N GLY C 44 -15.17 -40.75 -1.42
CA GLY C 44 -15.43 -39.42 -0.92
C GLY C 44 -14.46 -38.39 -1.44
N LEU C 45 -14.77 -37.13 -1.15
CA LEU C 45 -13.90 -36.04 -1.56
C LEU C 45 -12.59 -36.10 -0.76
N GLN C 46 -11.48 -35.92 -1.44
CA GLN C 46 -10.17 -35.91 -0.82
C GLN C 46 -9.44 -34.63 -1.22
N TRP C 47 -8.90 -33.92 -0.23
CA TRP C 47 -8.20 -32.68 -0.51
C TRP C 47 -6.82 -32.99 -1.11
N VAL C 48 -6.56 -32.40 -2.27
CA VAL C 48 -5.28 -32.62 -2.95
C VAL C 48 -4.30 -31.54 -2.49
N ALA C 49 -4.67 -30.28 -2.70
CA ALA C 49 -3.76 -29.19 -2.35
C ALA C 49 -4.52 -27.88 -2.33
N ASN C 50 -3.84 -26.82 -1.89
CA ASN C 50 -4.40 -25.48 -1.93
C ASN C 50 -3.27 -24.46 -2.02
N ILE C 51 -3.61 -23.31 -2.58
CA ILE C 51 -2.67 -22.21 -2.77
C ILE C 51 -3.36 -20.90 -2.42
N ASP C 52 -2.58 -19.96 -1.89
CA ASP C 52 -3.10 -18.68 -1.46
C ASP C 52 -3.29 -17.74 -2.66
N SER C 53 -3.55 -16.47 -2.36
CA SER C 53 -3.86 -15.49 -3.38
C SER C 53 -2.62 -14.83 -3.98
N GLY C 54 -1.42 -15.18 -3.51
CA GLY C 54 -0.21 -14.58 -4.03
C GLY C 54 0.90 -15.58 -4.25
N GLY C 55 0.63 -16.85 -4.00
CA GLY C 55 1.65 -17.88 -4.13
C GLY C 55 2.62 -17.96 -3.00
N PHE C 56 2.43 -17.18 -1.94
CA PHE C 56 3.37 -17.19 -0.83
C PHE C 56 3.47 -18.56 -0.19
N THR C 57 2.33 -19.23 0.00
CA THR C 57 2.30 -20.52 0.67
C THR C 57 1.41 -21.47 -0.12
N THR C 58 1.79 -22.74 -0.11
CA THR C 58 0.99 -23.81 -0.69
C THR C 58 0.95 -24.96 0.30
N ASN C 59 -0.16 -25.69 0.33
CA ASN C 59 -0.32 -26.80 1.25
C ASN C 59 -0.81 -28.02 0.51
N TYR C 60 -0.42 -29.18 1.02
CA TYR C 60 -0.71 -30.47 0.39
C TYR C 60 -1.13 -31.47 1.44
N VAL C 61 -1.72 -32.57 0.99
CA VAL C 61 -1.96 -33.72 1.85
C VAL C 61 -0.76 -34.66 1.72
N ASP C 62 -0.59 -35.53 2.72
CA ASP C 62 0.58 -36.40 2.75
C ASP C 62 0.66 -37.28 1.52
N ALA C 63 -0.48 -37.69 0.97
CA ALA C 63 -0.48 -38.61 -0.16
C ALA C 63 0.22 -38.03 -1.39
N VAL C 64 0.14 -36.72 -1.60
CA VAL C 64 0.70 -36.10 -2.79
C VAL C 64 1.85 -35.18 -2.41
N ARG C 65 2.11 -35.06 -1.11
CA ARG C 65 3.22 -34.23 -0.66
C ARG C 65 4.53 -34.73 -1.25
N GLY C 66 5.30 -33.81 -1.82
CA GLY C 66 6.58 -34.15 -2.39
C GLY C 66 6.48 -34.66 -3.81
N ARG C 67 5.26 -34.92 -4.27
CA ARG C 67 5.05 -35.46 -5.61
C ARG C 67 4.51 -34.40 -6.56
N PHE C 68 3.43 -33.72 -6.18
CA PHE C 68 2.76 -32.76 -7.05
C PHE C 68 3.20 -31.34 -6.70
N THR C 69 2.69 -30.38 -7.48
CA THR C 69 2.96 -28.98 -7.26
C THR C 69 1.79 -28.18 -7.82
N VAL C 70 1.58 -26.98 -7.27
CA VAL C 70 0.50 -26.09 -7.67
C VAL C 70 1.08 -24.73 -7.99
N SER C 71 0.50 -24.06 -8.99
CA SER C 71 0.94 -22.73 -9.36
C SER C 71 -0.23 -21.98 -9.96
N ARG C 72 -0.08 -20.66 -10.04
CA ARG C 72 -1.13 -19.81 -10.58
C ARG C 72 -0.48 -18.67 -11.35
N ASP C 73 -1.24 -18.13 -12.31
CA ASP C 73 -0.72 -17.09 -13.21
C ASP C 73 -1.67 -15.92 -13.33
N ASN C 74 -2.54 -15.71 -12.35
CA ASN C 74 -3.46 -14.57 -12.34
C ASN C 74 -4.58 -14.75 -13.36
N GLY C 75 -4.51 -15.82 -14.16
CA GLY C 75 -5.54 -16.09 -15.13
C GLY C 75 -6.04 -17.52 -15.07
N ALA C 76 -5.28 -18.40 -14.44
CA ALA C 76 -5.65 -19.80 -14.35
C ALA C 76 -4.77 -20.50 -13.32
N LEU C 77 -5.19 -21.69 -12.93
CA LEU C 77 -4.48 -22.54 -12.00
C LEU C 77 -3.86 -23.71 -12.74
N TYR C 78 -2.74 -24.21 -12.22
CA TYR C 78 -2.06 -25.36 -12.79
C TYR C 78 -1.62 -26.30 -11.68
N LEU C 79 -1.88 -27.59 -11.89
CA LEU C 79 -1.39 -28.66 -11.04
C LEU C 79 -0.44 -29.53 -11.84
N GLN C 80 0.82 -29.57 -11.42
CA GLN C 80 1.81 -30.44 -12.02
C GLN C 80 1.88 -31.73 -11.21
N MET C 81 1.70 -32.86 -11.89
CA MET C 81 1.67 -34.18 -11.26
C MET C 81 2.90 -34.95 -11.69
N ASN C 82 3.63 -35.48 -10.71
CA ASN C 82 4.81 -36.30 -10.95
C ASN C 82 4.70 -37.56 -10.10
N GLY C 83 5.28 -38.65 -10.61
CA GLY C 83 5.24 -39.90 -9.89
C GLY C 83 3.83 -40.43 -9.72
N LEU C 84 3.05 -40.37 -10.80
CA LEU C 84 1.67 -40.83 -10.75
C LEU C 84 1.61 -42.32 -10.40
N ARG C 85 0.61 -42.69 -9.61
CA ARG C 85 0.40 -44.06 -9.20
C ARG C 85 -1.03 -44.47 -9.55
N VAL C 86 -1.31 -45.77 -9.43
CA VAL C 86 -2.60 -46.30 -9.87
C VAL C 86 -3.73 -45.66 -9.09
N GLU C 87 -3.58 -45.55 -7.77
CA GLU C 87 -4.64 -44.99 -6.93
C GLU C 87 -4.99 -43.55 -7.33
N ASP C 88 -4.10 -42.83 -8.01
CA ASP C 88 -4.37 -41.45 -8.38
C ASP C 88 -5.54 -41.32 -9.33
N THR C 89 -5.97 -42.39 -9.99
CA THR C 89 -7.11 -42.32 -10.90
C THR C 89 -8.30 -41.73 -10.18
N ALA C 90 -8.81 -40.60 -10.67
CA ALA C 90 -9.89 -39.91 -9.97
C ALA C 90 -10.32 -38.70 -10.78
N VAL C 91 -11.37 -38.04 -10.31
CA VAL C 91 -11.82 -36.79 -10.91
C VAL C 91 -11.43 -35.65 -9.99
N TYR C 92 -10.77 -34.64 -10.55
CA TYR C 92 -10.24 -33.50 -9.79
C TYR C 92 -11.08 -32.26 -10.08
N TYR C 93 -11.25 -31.41 -9.06
CA TYR C 93 -11.97 -30.15 -9.17
C TYR C 93 -11.13 -29.02 -8.58
N CYS C 94 -11.32 -27.82 -9.12
CA CYS C 94 -10.73 -26.60 -8.59
C CYS C 94 -11.83 -25.72 -7.99
N ALA C 95 -11.67 -25.36 -6.72
CA ALA C 95 -12.69 -24.63 -6.00
C ALA C 95 -12.05 -23.42 -5.33
N THR C 96 -12.85 -22.36 -5.20
CA THR C 96 -12.41 -21.18 -4.47
C THR C 96 -12.66 -21.38 -2.99
N MET C 97 -11.63 -21.16 -2.18
CA MET C 97 -11.78 -21.30 -0.74
C MET C 97 -12.23 -19.97 -0.15
N LYS C 98 -13.40 -19.99 0.50
CA LYS C 98 -14.00 -18.76 1.01
C LYS C 98 -13.13 -18.20 2.13
N THR C 99 -12.39 -17.14 1.83
CA THR C 99 -11.46 -16.55 2.78
C THR C 99 -12.11 -15.58 3.75
N THR C 100 -13.34 -15.14 3.49
CA THR C 100 -14.04 -14.19 4.33
C THR C 100 -15.44 -14.70 4.63
N TYR C 101 -15.91 -14.47 5.85
CA TYR C 101 -17.23 -14.89 6.28
C TYR C 101 -17.87 -13.74 7.04
N CYS C 102 -18.98 -13.21 6.53
CA CYS C 102 -19.68 -12.17 7.26
C CYS C 102 -20.41 -12.75 8.45
N ILE C 103 -20.50 -11.97 9.53
CA ILE C 103 -21.08 -12.41 10.78
C ILE C 103 -22.45 -11.77 11.03
N ASP C 104 -23.06 -11.18 10.00
CA ASP C 104 -24.40 -10.62 10.13
C ASP C 104 -25.09 -10.70 8.77
N GLU C 105 -26.42 -10.64 8.80
CA GLU C 105 -27.20 -10.90 7.60
C GLU C 105 -26.92 -9.94 6.46
N ASN C 106 -26.98 -8.62 6.70
CA ASN C 106 -26.52 -7.65 5.72
C ASN C 106 -25.00 -7.66 5.63
N CYS C 107 -24.36 -8.31 6.60
CA CYS C 107 -22.96 -8.69 6.54
C CYS C 107 -22.07 -7.44 6.60
N ASN C 108 -22.44 -6.51 7.48
CA ASN C 108 -21.65 -5.31 7.68
C ASN C 108 -20.31 -5.61 8.31
N SER C 109 -20.21 -6.69 9.08
CA SER C 109 -18.96 -7.09 9.72
C SER C 109 -18.57 -8.47 9.21
N PHE C 110 -17.28 -8.66 8.95
CA PHE C 110 -16.81 -9.93 8.40
C PHE C 110 -15.52 -10.34 9.08
N GLN C 111 -15.23 -11.63 9.02
CA GLN C 111 -14.13 -12.25 9.75
C GLN C 111 -13.38 -13.20 8.81
N ALA C 112 -12.08 -13.33 9.04
CA ALA C 112 -11.29 -14.25 8.24
C ALA C 112 -11.56 -15.69 8.67
N GLY C 113 -11.38 -16.62 7.74
CA GLY C 113 -11.65 -18.01 8.05
C GLY C 113 -11.11 -18.92 6.97
N ARG C 114 -11.34 -20.21 7.16
CA ARG C 114 -10.90 -21.23 6.23
C ARG C 114 -11.83 -22.44 6.33
N GLY C 115 -11.79 -23.29 5.31
CA GLY C 115 -12.47 -24.56 5.34
C GLY C 115 -13.80 -24.61 4.61
N VAL C 116 -14.20 -23.53 3.92
CA VAL C 116 -15.44 -23.50 3.16
C VAL C 116 -15.11 -23.12 1.73
N PHE C 117 -15.65 -23.87 0.78
CA PHE C 117 -15.43 -23.64 -0.64
C PHE C 117 -16.68 -22.99 -1.22
N ASP C 118 -16.50 -21.84 -1.87
CA ASP C 118 -17.64 -21.07 -2.37
C ASP C 118 -18.10 -21.56 -3.74
N ASN C 119 -17.21 -21.56 -4.72
CA ASN C 119 -17.55 -21.91 -6.09
C ASN C 119 -16.66 -23.04 -6.57
N TRP C 120 -17.22 -23.89 -7.41
CA TRP C 120 -16.54 -25.08 -7.91
C TRP C 120 -16.44 -25.02 -9.42
N GLY C 121 -15.44 -25.72 -9.96
CA GLY C 121 -15.33 -25.89 -11.38
C GLY C 121 -16.08 -27.14 -11.83
N GLN C 122 -15.97 -27.43 -13.13
CA GLN C 122 -16.65 -28.56 -13.71
C GLN C 122 -16.04 -29.90 -13.31
N GLY C 123 -14.71 -29.98 -13.22
CA GLY C 123 -14.05 -31.21 -12.85
C GLY C 123 -13.56 -31.97 -14.07
N THR C 124 -12.42 -32.66 -13.93
CA THR C 124 -11.85 -33.43 -15.03
C THR C 124 -11.36 -34.77 -14.53
N LEU C 125 -11.48 -35.79 -15.38
CA LEU C 125 -11.18 -37.17 -15.02
C LEU C 125 -9.76 -37.51 -15.47
N VAL C 126 -8.98 -38.09 -14.57
CA VAL C 126 -7.64 -38.59 -14.87
C VAL C 126 -7.64 -40.09 -14.59
N THR C 127 -7.26 -40.86 -15.61
CA THR C 127 -7.12 -42.31 -15.50
C THR C 127 -5.65 -42.66 -15.73
N VAL C 128 -5.07 -43.41 -14.80
CA VAL C 128 -3.69 -43.86 -14.93
C VAL C 128 -3.65 -45.39 -14.96
N SER C 129 -3.34 -45.94 -16.13
CA SER C 129 -3.33 -47.38 -16.35
C SER C 129 -2.74 -47.65 -17.72
N SER C 130 -2.55 -48.93 -18.03
CA SER C 130 -2.02 -49.34 -19.33
C SER C 130 -3.11 -49.28 -20.40
#